data_1HIM
#
_entry.id   1HIM
#
_cell.length_a   60.080
_cell.length_b   67.070
_cell.length_c   73.240
_cell.angle_alpha   89.90
_cell.angle_beta   101.80
_cell.angle_gamma   96.50
#
_symmetry.space_group_name_H-M   'P 1'
#
loop_
_entity.id
_entity.type
_entity.pdbx_description
1 polymer 'IGG2A-KAPPA 17/9 FAB (LIGHT CHAIN)'
2 polymer 'IGG2A-KAPPA 17/9 FAB (HEAVY CHAIN)'
3 polymer 'INFLUENZA HEMAGGLUTININ HA1 (STRAIN X47) (RESIDUES 100-108)'
4 polymer 'INFLUENZA HEMAGGLUTININ HA1 (STRAIN X47) (RESIDUES 100-108)'
#
loop_
_entity_poly.entity_id
_entity_poly.type
_entity_poly.pdbx_seq_one_letter_code
_entity_poly.pdbx_strand_id
1 'polypeptide(L)'
;DIVMTQSPSSLTVTAGEKVTMSCTSSQSLFNSGKQKNYLTWYQQKPGQPPKVLIYWASTRESGVPDRFTGSGSGTDFTLT
ISSVQAEDLAVYYCQNDYSNPLTFGGGTKLELKRADAAPTVSIFPPSSEQLTSGGASVVCFLNNFYPKDINVKWKIDGSE
RQNGVLNSWTDQDSKDSTYSMSSTLTLTKDEYERHNSYTCEATHKTSTSPIVKSFNR
;
H,J
2 'polypeptide(L)'
;EVQLVESGGDLVKPGGSLKLSCAASGFSFSSYGMSWVRQTPDKRLEWVATISNGGGYTYYPDSVKGRFTISRDNAKNTLY
LQMSSLKSEDSAMYYCARRERYDENGFAYWGQGTLVTVSAAKTTAPSVYPLAPVCGDTTGSSVTLGCLVKGYFPEPVTLT
WNSGSLSSGVHTFPAVLQSDLYTLSSSVTVTSSTWPSQSITCNVAHPASSTKVDKKIEPR
;
L,M
3 'polypeptide(L)' YDVPDYAS(NH2) P
4 'polypeptide(L)' YDVPDYASL(NH2) R
#
# COMPACT_ATOMS: atom_id res chain seq x y z
N ASP A 1 -41.01 -11.19 15.91
CA ASP A 1 -40.23 -11.83 14.87
C ASP A 1 -40.29 -13.28 15.31
N ILE A 2 -40.69 -14.24 14.51
CA ILE A 2 -40.60 -15.61 14.96
C ILE A 2 -39.11 -15.92 14.81
N VAL A 3 -38.41 -16.38 15.84
CA VAL A 3 -37.06 -16.90 15.61
C VAL A 3 -37.21 -18.30 15.01
N MET A 4 -36.31 -18.64 14.08
CA MET A 4 -36.25 -20.00 13.65
C MET A 4 -35.12 -20.70 14.43
N THR A 5 -35.40 -21.83 15.05
CA THR A 5 -34.33 -22.68 15.61
C THR A 5 -34.25 -24.13 15.09
N GLN A 6 -33.18 -24.33 14.35
CA GLN A 6 -32.88 -25.65 13.87
C GLN A 6 -31.73 -26.27 14.65
N SER A 7 -32.00 -27.47 15.13
CA SER A 7 -30.93 -28.24 15.67
C SER A 7 -31.03 -29.55 14.90
N PRO A 8 -29.92 -30.21 14.54
CA PRO A 8 -28.54 -29.84 14.87
C PRO A 8 -27.93 -28.90 13.85
N SER A 9 -26.73 -28.34 14.00
CA SER A 9 -26.17 -27.55 12.91
C SER A 9 -25.41 -28.40 11.89
N SER A 10 -25.03 -29.64 12.26
CA SER A 10 -24.26 -30.50 11.41
C SER A 10 -24.77 -31.83 11.83
N LEU A 11 -25.06 -32.69 10.87
CA LEU A 11 -25.56 -34.01 11.15
C LEU A 11 -24.64 -34.92 10.37
N THR A 12 -24.08 -36.00 10.92
CA THR A 12 -23.23 -36.91 10.16
C THR A 12 -23.99 -38.19 9.87
N VAL A 13 -24.08 -38.41 8.56
CA VAL A 13 -24.88 -39.47 7.98
C VAL A 13 -24.06 -40.59 7.33
N THR A 14 -24.74 -41.67 6.98
CA THR A 14 -24.23 -42.78 6.19
C THR A 14 -25.26 -42.86 5.07
N ALA A 15 -24.83 -42.98 3.79
CA ALA A 15 -25.76 -43.14 2.67
C ALA A 15 -26.64 -44.38 2.91
N GLY A 16 -27.90 -44.29 2.48
CA GLY A 16 -28.91 -45.30 2.76
C GLY A 16 -29.52 -45.19 4.16
N GLU A 17 -29.06 -44.37 5.13
CA GLU A 17 -29.75 -44.29 6.43
C GLU A 17 -30.87 -43.22 6.48
N LYS A 18 -31.72 -43.34 7.49
CA LYS A 18 -32.77 -42.35 7.72
C LYS A 18 -32.25 -41.28 8.69
N VAL A 19 -32.55 -40.02 8.39
CA VAL A 19 -32.07 -38.93 9.16
C VAL A 19 -33.19 -37.89 9.27
N THR A 20 -33.31 -37.32 10.50
CA THR A 20 -34.30 -36.32 10.83
C THR A 20 -33.71 -35.09 11.54
N MET A 21 -33.97 -33.91 11.01
CA MET A 21 -33.50 -32.61 11.48
C MET A 21 -34.70 -31.82 12.07
N SER A 22 -34.54 -30.96 13.08
CA SER A 22 -35.69 -30.28 13.70
C SER A 22 -35.72 -28.80 13.39
N CYS A 23 -36.91 -28.18 13.28
CA CYS A 23 -37.09 -26.73 13.10
C CYS A 23 -38.13 -26.34 14.12
N THR A 24 -37.83 -25.27 14.85
CA THR A 24 -38.71 -24.78 15.88
C THR A 24 -39.01 -23.32 15.58
N SER A 25 -40.27 -22.89 15.76
CA SER A 25 -40.70 -21.49 15.62
C SER A 25 -40.82 -20.82 16.98
N SER A 26 -40.62 -19.50 17.20
CA SER A 26 -40.94 -18.88 18.50
C SER A 26 -42.45 -18.75 18.80
N GLN A 27 -43.31 -18.73 17.77
CA GLN A 27 -44.77 -18.58 17.82
C GLN A 27 -45.32 -19.60 16.81
N SER A 28 -46.61 -19.57 16.49
CA SER A 28 -47.18 -20.50 15.54
C SER A 28 -47.08 -19.94 14.15
N LEU A 29 -47.06 -20.78 13.11
CA LEU A 29 -47.03 -20.29 11.74
C LEU A 29 -48.30 -20.63 10.99
N PHE A 30 -49.23 -21.26 11.73
CA PHE A 30 -50.45 -21.75 11.17
C PHE A 30 -51.16 -20.54 10.76
N ASN A 31 -51.36 -20.50 9.46
CA ASN A 31 -52.14 -19.48 8.81
C ASN A 31 -53.53 -20.04 8.56
N SER A 32 -54.54 -19.52 9.24
CA SER A 32 -55.92 -19.97 9.10
C SER A 32 -56.74 -19.52 7.86
N GLY A 33 -56.17 -18.71 6.98
CA GLY A 33 -56.89 -18.30 5.78
C GLY A 33 -56.72 -19.39 4.71
N LYS A 34 -55.47 -19.81 4.54
CA LYS A 34 -55.15 -20.91 3.67
C LYS A 34 -55.35 -22.25 4.34
N GLN A 35 -55.51 -22.25 5.67
CA GLN A 35 -55.55 -23.40 6.56
C GLN A 35 -54.24 -24.19 6.50
N LYS A 36 -53.10 -23.51 6.49
CA LYS A 36 -51.82 -24.16 6.28
C LYS A 36 -50.83 -23.63 7.27
N ASN A 37 -49.84 -24.39 7.79
CA ASN A 37 -48.75 -23.84 8.64
C ASN A 37 -47.73 -23.35 7.64
N TYR A 38 -47.38 -22.10 7.54
CA TYR A 38 -46.56 -21.62 6.45
C TYR A 38 -45.07 -21.76 6.62
N LEU A 39 -44.59 -23.00 6.83
CA LEU A 39 -43.15 -23.24 6.97
C LEU A 39 -42.59 -23.81 5.68
N THR A 40 -41.42 -23.37 5.32
CA THR A 40 -40.79 -23.82 4.13
C THR A 40 -39.42 -24.37 4.45
N TRP A 41 -39.04 -25.44 3.77
CA TRP A 41 -37.75 -26.08 3.91
C TRP A 41 -37.00 -25.87 2.60
N TYR A 42 -35.72 -25.54 2.68
CA TYR A 42 -34.82 -25.22 1.56
C TYR A 42 -33.53 -26.01 1.71
N GLN A 43 -32.92 -26.26 0.56
CA GLN A 43 -31.69 -26.99 0.47
C GLN A 43 -30.86 -26.10 -0.42
N GLN A 44 -29.60 -26.16 -0.12
CA GLN A 44 -28.69 -25.37 -0.86
C GLN A 44 -27.37 -26.12 -0.94
N LYS A 45 -26.83 -26.01 -2.11
CA LYS A 45 -25.60 -26.67 -2.40
C LYS A 45 -24.66 -25.54 -2.69
N PRO A 46 -23.38 -25.71 -2.37
CA PRO A 46 -22.39 -24.67 -2.55
C PRO A 46 -22.33 -24.18 -4.00
N GLY A 47 -22.58 -22.88 -4.15
CA GLY A 47 -22.51 -22.20 -5.43
C GLY A 47 -23.91 -21.81 -5.87
N GLN A 48 -24.92 -22.44 -5.27
CA GLN A 48 -26.26 -22.26 -5.73
C GLN A 48 -27.02 -21.36 -4.85
N PRO A 49 -28.07 -20.66 -5.29
CA PRO A 49 -29.13 -20.15 -4.41
C PRO A 49 -29.87 -21.28 -3.66
N PRO A 50 -30.72 -21.12 -2.64
CA PRO A 50 -31.49 -22.24 -2.08
C PRO A 50 -32.59 -22.81 -2.97
N LYS A 51 -33.17 -24.01 -2.77
CA LYS A 51 -34.28 -24.45 -3.58
C LYS A 51 -35.22 -25.13 -2.62
N VAL A 52 -36.49 -24.96 -2.93
CA VAL A 52 -37.59 -25.42 -2.13
C VAL A 52 -37.55 -26.91 -2.13
N LEU A 53 -37.65 -27.54 -0.98
CA LEU A 53 -37.90 -28.96 -1.02
C LEU A 53 -39.36 -29.11 -0.66
N ILE A 54 -39.77 -28.49 0.44
CA ILE A 54 -41.05 -28.70 1.07
C ILE A 54 -41.66 -27.34 1.41
N TYR A 55 -42.93 -27.08 1.13
CA TYR A 55 -43.61 -25.88 1.58
C TYR A 55 -44.81 -26.30 2.44
N TRP A 56 -45.69 -25.42 2.93
CA TRP A 56 -46.80 -25.70 3.84
C TRP A 56 -46.53 -26.78 4.85
N ALA A 57 -45.30 -26.72 5.39
CA ALA A 57 -44.72 -27.63 6.37
C ALA A 57 -44.50 -29.05 5.89
N SER A 58 -45.35 -29.58 4.98
CA SER A 58 -45.31 -30.94 4.47
C SER A 58 -45.64 -31.15 3.00
N THR A 59 -45.79 -30.17 2.13
CA THR A 59 -46.13 -30.48 0.77
C THR A 59 -44.76 -30.43 0.08
N ARG A 60 -44.56 -31.38 -0.78
CA ARG A 60 -43.27 -31.52 -1.43
C ARG A 60 -43.41 -30.87 -2.78
N GLU A 61 -42.38 -30.20 -3.20
CA GLU A 61 -42.35 -29.56 -4.48
C GLU A 61 -42.36 -30.63 -5.57
N SER A 62 -42.92 -30.29 -6.71
CA SER A 62 -42.96 -31.15 -7.87
C SER A 62 -41.52 -31.35 -8.26
N GLY A 63 -41.03 -32.56 -8.07
CA GLY A 63 -39.66 -32.91 -8.46
C GLY A 63 -38.80 -33.26 -7.26
N VAL A 64 -39.22 -33.09 -6.04
CA VAL A 64 -38.39 -33.47 -4.95
C VAL A 64 -38.68 -34.96 -4.75
N PRO A 65 -37.62 -35.75 -4.55
CA PRO A 65 -37.65 -37.15 -4.22
C PRO A 65 -38.67 -37.61 -3.19
N ASP A 66 -39.10 -38.90 -3.15
CA ASP A 66 -40.09 -39.38 -2.18
C ASP A 66 -39.58 -39.47 -0.77
N ARG A 67 -38.25 -39.46 -0.71
CA ARG A 67 -37.56 -39.65 0.57
C ARG A 67 -37.58 -38.41 1.45
N PHE A 68 -37.89 -37.23 0.90
CA PHE A 68 -37.90 -36.02 1.69
C PHE A 68 -39.31 -35.74 2.20
N THR A 69 -39.49 -35.74 3.52
CA THR A 69 -40.77 -35.48 4.12
C THR A 69 -40.70 -34.36 5.14
N GLY A 70 -41.75 -33.55 5.19
CA GLY A 70 -41.91 -32.49 6.17
C GLY A 70 -43.06 -32.93 7.05
N SER A 71 -42.98 -32.70 8.33
CA SER A 71 -43.93 -33.21 9.30
C SER A 71 -43.99 -32.19 10.45
N GLY A 72 -45.12 -32.01 11.14
CA GLY A 72 -45.13 -31.16 12.32
C GLY A 72 -46.11 -30.01 12.18
N SER A 73 -46.43 -29.39 13.30
CA SER A 73 -47.37 -28.28 13.33
C SER A 73 -47.19 -27.24 14.46
N GLY A 74 -47.72 -26.04 14.24
CA GLY A 74 -47.70 -25.04 15.25
C GLY A 74 -46.32 -24.44 15.52
N THR A 75 -45.52 -25.02 16.41
CA THR A 75 -44.20 -24.50 16.76
C THR A 75 -43.12 -25.57 16.56
N ASP A 76 -43.50 -26.87 16.41
CA ASP A 76 -42.53 -27.95 16.25
C ASP A 76 -42.58 -28.73 14.94
N PHE A 77 -41.57 -28.56 14.12
CA PHE A 77 -41.54 -29.12 12.76
C PHE A 77 -40.26 -29.93 12.54
N THR A 78 -40.25 -30.93 11.62
CA THR A 78 -39.06 -31.75 11.27
C THR A 78 -38.83 -32.01 9.80
N LEU A 79 -37.60 -32.08 9.24
CA LEU A 79 -37.42 -32.63 7.90
C LEU A 79 -36.98 -34.09 8.15
N THR A 80 -37.39 -35.06 7.34
CA THR A 80 -36.91 -36.43 7.42
C THR A 80 -36.46 -36.88 6.03
N ILE A 81 -35.25 -37.41 5.86
CA ILE A 81 -34.82 -37.96 4.58
C ILE A 81 -34.71 -39.45 4.90
N SER A 82 -35.65 -40.25 4.31
CA SER A 82 -35.79 -41.70 4.51
C SER A 82 -34.51 -42.45 4.28
N SER A 83 -33.82 -42.22 3.17
CA SER A 83 -32.55 -42.85 3.01
C SER A 83 -31.68 -41.86 2.24
N VAL A 84 -30.74 -41.34 2.98
CA VAL A 84 -29.89 -40.32 2.43
C VAL A 84 -28.89 -40.82 1.40
N GLN A 85 -28.86 -40.07 0.31
CA GLN A 85 -27.91 -40.29 -0.71
C GLN A 85 -26.82 -39.26 -0.58
N ALA A 86 -25.81 -39.28 -1.41
CA ALA A 86 -24.72 -38.30 -1.40
C ALA A 86 -25.11 -37.05 -2.17
N GLU A 87 -26.07 -37.12 -3.08
CA GLU A 87 -26.63 -35.95 -3.72
C GLU A 87 -27.39 -35.16 -2.66
N ASP A 88 -27.49 -35.61 -1.43
CA ASP A 88 -28.17 -34.90 -0.40
C ASP A 88 -27.27 -34.20 0.57
N LEU A 89 -25.95 -34.28 0.43
CA LEU A 89 -25.13 -33.59 1.40
C LEU A 89 -25.20 -32.16 0.88
N ALA A 90 -25.92 -31.37 1.65
CA ALA A 90 -26.18 -29.96 1.37
C ALA A 90 -26.53 -29.31 2.72
N VAL A 91 -26.83 -28.01 2.74
CA VAL A 91 -27.36 -27.40 3.96
C VAL A 91 -28.85 -27.22 3.76
N TYR A 92 -29.55 -27.42 4.87
CA TYR A 92 -30.99 -27.40 4.92
C TYR A 92 -31.41 -26.29 5.86
N TYR A 93 -32.33 -25.41 5.49
CA TYR A 93 -32.81 -24.36 6.38
C TYR A 93 -34.32 -24.41 6.39
N CYS A 94 -34.96 -23.97 7.48
CA CYS A 94 -36.40 -23.76 7.41
C CYS A 94 -36.57 -22.24 7.31
N GLN A 95 -37.78 -21.74 7.03
CA GLN A 95 -38.09 -20.35 6.85
C GLN A 95 -39.48 -20.22 7.37
N ASN A 96 -39.69 -19.05 7.94
CA ASN A 96 -40.96 -18.58 8.48
C ASN A 96 -41.62 -17.84 7.33
N ASP A 97 -42.65 -18.36 6.66
CA ASP A 97 -43.26 -17.56 5.60
C ASP A 97 -44.57 -16.97 6.12
N TYR A 98 -44.84 -17.10 7.44
CA TYR A 98 -46.08 -16.66 8.05
C TYR A 98 -46.23 -15.16 8.33
N SER A 99 -45.36 -14.39 9.01
CA SER A 99 -45.46 -12.93 9.02
C SER A 99 -44.09 -12.24 9.09
N ASN A 100 -43.99 -11.02 8.53
CA ASN A 100 -42.77 -10.23 8.51
C ASN A 100 -42.20 -9.99 9.89
N PRO A 101 -40.88 -9.78 10.07
CA PRO A 101 -39.85 -10.28 9.18
C PRO A 101 -39.91 -11.79 9.23
N LEU A 102 -39.65 -12.13 7.96
CA LEU A 102 -39.48 -13.51 7.50
C LEU A 102 -38.11 -13.85 8.06
N THR A 103 -38.09 -15.04 8.65
CA THR A 103 -36.91 -15.49 9.31
C THR A 103 -36.56 -16.89 8.77
N PHE A 104 -35.30 -17.13 8.50
CA PHE A 104 -34.79 -18.41 8.10
C PHE A 104 -34.15 -18.97 9.35
N GLY A 105 -33.93 -20.28 9.34
CA GLY A 105 -33.24 -21.00 10.38
C GLY A 105 -31.76 -20.81 10.08
N GLY A 106 -30.99 -21.52 10.93
CA GLY A 106 -29.53 -21.44 10.93
C GLY A 106 -28.82 -22.40 9.99
N GLY A 107 -29.59 -23.41 9.61
CA GLY A 107 -29.13 -24.45 8.74
C GLY A 107 -28.75 -25.67 9.56
N THR A 108 -28.80 -26.80 8.87
CA THR A 108 -28.25 -28.02 9.38
C THR A 108 -27.44 -28.50 8.21
N LYS A 109 -26.19 -28.93 8.43
CA LYS A 109 -25.32 -29.32 7.35
C LYS A 109 -25.15 -30.83 7.38
N LEU A 110 -25.48 -31.54 6.29
CA LEU A 110 -25.18 -32.98 6.23
C LEU A 110 -23.70 -33.15 5.86
N GLU A 111 -23.02 -33.84 6.77
CA GLU A 111 -21.63 -34.24 6.58
C GLU A 111 -21.69 -35.77 6.57
N LEU A 112 -20.91 -36.42 5.72
CA LEU A 112 -20.92 -37.88 5.57
C LEU A 112 -19.88 -38.58 6.39
N LYS A 113 -20.28 -39.71 6.94
CA LYS A 113 -19.38 -40.52 7.72
C LYS A 113 -18.33 -41.23 6.84
N ARG A 114 -17.25 -41.68 7.46
CA ARG A 114 -16.16 -42.46 6.90
C ARG A 114 -15.28 -42.89 8.08
N ALA A 115 -14.22 -43.69 7.94
CA ALA A 115 -13.42 -44.07 9.11
C ALA A 115 -12.46 -42.96 9.57
N ASP A 116 -12.18 -42.91 10.86
CA ASP A 116 -11.30 -41.89 11.40
C ASP A 116 -9.93 -42.03 10.76
N ALA A 117 -9.26 -40.90 10.74
CA ALA A 117 -7.96 -40.73 10.14
C ALA A 117 -7.32 -39.55 10.87
N ALA A 118 -6.18 -39.80 11.51
CA ALA A 118 -5.36 -38.79 12.15
C ALA A 118 -4.61 -37.98 11.10
N PRO A 119 -4.27 -36.74 11.40
CA PRO A 119 -3.70 -35.74 10.46
C PRO A 119 -2.25 -35.74 9.92
N THR A 120 -1.94 -35.55 8.64
CA THR A 120 -0.53 -35.43 8.30
C THR A 120 -0.16 -33.98 8.55
N VAL A 121 0.45 -33.89 9.74
CA VAL A 121 0.90 -32.62 10.29
C VAL A 121 2.29 -32.40 9.74
N SER A 122 2.52 -31.15 9.32
CA SER A 122 3.75 -30.75 8.65
C SER A 122 3.99 -29.28 9.07
N ILE A 123 5.19 -28.82 9.42
CA ILE A 123 5.52 -27.45 9.88
C ILE A 123 6.66 -26.82 9.03
N PHE A 124 6.57 -25.55 8.66
CA PHE A 124 7.55 -24.95 7.77
C PHE A 124 8.06 -23.68 8.46
N PRO A 125 9.35 -23.50 8.62
CA PRO A 125 9.99 -22.20 8.88
C PRO A 125 9.62 -21.05 7.95
N PRO A 126 9.85 -19.78 8.35
CA PRO A 126 9.72 -18.64 7.46
C PRO A 126 10.67 -18.53 6.29
N SER A 127 10.14 -18.27 5.11
CA SER A 127 10.93 -18.04 3.94
C SER A 127 11.80 -16.82 4.12
N SER A 128 12.94 -16.78 3.43
CA SER A 128 13.84 -15.61 3.40
C SER A 128 13.13 -14.30 3.03
N GLU A 129 12.34 -14.42 1.97
CA GLU A 129 11.55 -13.36 1.35
C GLU A 129 10.79 -12.56 2.39
N GLN A 130 10.33 -13.29 3.40
CA GLN A 130 9.51 -12.74 4.46
C GLN A 130 10.41 -12.06 5.47
N LEU A 131 11.49 -12.75 5.83
CA LEU A 131 12.49 -12.22 6.72
C LEU A 131 13.23 -11.04 6.10
N THR A 132 13.12 -10.81 4.80
CA THR A 132 13.60 -9.60 4.18
C THR A 132 12.76 -8.43 4.70
N SER A 133 11.46 -8.66 4.74
CA SER A 133 10.49 -7.65 5.11
C SER A 133 10.29 -7.28 6.59
N GLY A 134 10.97 -7.90 7.55
CA GLY A 134 10.73 -7.58 8.95
C GLY A 134 9.75 -8.54 9.60
N GLY A 135 9.15 -9.51 8.91
CA GLY A 135 8.15 -10.38 9.53
C GLY A 135 8.52 -11.85 9.44
N ALA A 136 7.81 -12.72 10.14
CA ALA A 136 8.14 -14.14 10.14
C ALA A 136 6.97 -15.08 10.42
N SER A 137 6.15 -15.58 9.49
CA SER A 137 5.12 -16.60 9.78
C SER A 137 5.62 -18.05 9.83
N VAL A 138 5.24 -18.86 10.83
CA VAL A 138 5.58 -20.26 10.89
C VAL A 138 4.25 -20.98 10.64
N VAL A 139 4.17 -21.68 9.50
CA VAL A 139 3.01 -22.37 8.99
C VAL A 139 2.96 -23.81 9.44
N CYS A 140 1.79 -24.44 9.55
CA CYS A 140 1.71 -25.80 10.01
C CYS A 140 0.41 -26.30 9.44
N PHE A 141 0.57 -27.15 8.43
CA PHE A 141 -0.52 -27.78 7.72
C PHE A 141 -0.86 -29.04 8.50
N LEU A 142 -2.12 -29.43 8.60
CA LEU A 142 -2.55 -30.64 9.27
C LEU A 142 -3.58 -31.16 8.28
N ASN A 143 -3.07 -31.81 7.26
CA ASN A 143 -3.93 -32.31 6.22
C ASN A 143 -4.51 -33.66 6.50
N ASN A 144 -5.55 -33.89 5.69
CA ASN A 144 -6.35 -35.10 5.54
C ASN A 144 -6.85 -35.95 6.71
N PHE A 145 -7.58 -35.37 7.67
CA PHE A 145 -8.07 -36.13 8.79
C PHE A 145 -9.59 -36.26 8.81
N TYR A 146 -10.06 -37.04 9.77
CA TYR A 146 -11.45 -37.21 10.00
C TYR A 146 -11.54 -37.74 11.44
N PRO A 147 -12.34 -37.22 12.41
CA PRO A 147 -13.35 -36.17 12.25
C PRO A 147 -12.81 -34.76 12.29
N LYS A 148 -13.72 -33.82 12.07
CA LYS A 148 -13.50 -32.39 12.09
C LYS A 148 -12.91 -31.91 13.45
N ASP A 149 -13.23 -32.58 14.55
CA ASP A 149 -12.67 -32.22 15.81
C ASP A 149 -11.17 -32.47 15.89
N ILE A 150 -10.51 -31.33 15.74
CA ILE A 150 -9.10 -31.18 16.03
C ILE A 150 -8.76 -29.82 16.72
N ASN A 151 -7.83 -29.90 17.65
CA ASN A 151 -7.34 -28.80 18.45
C ASN A 151 -5.90 -28.59 17.98
N VAL A 152 -5.33 -27.52 17.45
CA VAL A 152 -3.88 -27.34 17.19
C VAL A 152 -3.34 -26.23 18.13
N LYS A 153 -2.07 -26.24 18.61
CA LYS A 153 -1.51 -25.31 19.61
C LYS A 153 -0.06 -24.86 19.46
N TRP A 154 0.33 -23.60 19.36
CA TRP A 154 1.72 -23.25 19.20
C TRP A 154 2.47 -23.13 20.50
N LYS A 155 3.79 -23.20 20.36
CA LYS A 155 4.69 -23.20 21.50
C LYS A 155 5.94 -22.52 21.10
N ILE A 156 6.45 -21.51 21.80
CA ILE A 156 7.75 -21.02 21.47
C ILE A 156 8.57 -21.33 22.70
N ASP A 157 9.80 -21.80 22.52
CA ASP A 157 10.68 -22.29 23.59
C ASP A 157 9.96 -22.99 24.73
N GLY A 158 9.06 -23.89 24.37
CA GLY A 158 8.31 -24.61 25.37
C GLY A 158 7.11 -23.81 25.88
N SER A 159 6.99 -22.50 25.88
CA SER A 159 5.71 -21.90 26.33
C SER A 159 4.69 -21.69 25.21
N GLU A 160 3.49 -22.09 25.63
CA GLU A 160 2.30 -21.99 24.83
C GLU A 160 2.03 -20.57 24.33
N ARG A 161 1.89 -20.36 23.01
CA ARG A 161 1.74 -19.06 22.39
C ARG A 161 0.39 -18.94 21.75
N GLN A 162 -0.33 -17.85 22.10
CA GLN A 162 -1.71 -17.57 21.61
C GLN A 162 -1.95 -16.41 20.65
N ASN A 163 -1.18 -15.38 20.82
CA ASN A 163 -1.40 -14.26 19.98
C ASN A 163 -0.66 -14.51 18.67
N GLY A 164 -1.23 -14.20 17.53
CA GLY A 164 -0.51 -14.26 16.26
C GLY A 164 -0.88 -15.42 15.30
N VAL A 165 -1.80 -16.30 15.70
CA VAL A 165 -2.19 -17.46 14.94
C VAL A 165 -3.41 -17.19 14.05
N LEU A 166 -3.45 -17.92 12.93
CA LEU A 166 -4.56 -17.84 11.96
C LEU A 166 -4.88 -19.25 11.53
N ASN A 167 -6.11 -19.74 11.59
CA ASN A 167 -6.34 -21.10 11.16
C ASN A 167 -7.40 -21.08 10.09
N SER A 168 -7.35 -21.81 8.96
CA SER A 168 -8.48 -21.91 8.04
C SER A 168 -8.71 -23.40 8.04
N TRP A 169 -9.87 -23.77 7.64
CA TRP A 169 -10.25 -25.17 7.63
C TRP A 169 -10.90 -25.35 6.27
N THR A 170 -10.97 -26.57 5.74
CA THR A 170 -11.62 -26.89 4.45
C THR A 170 -12.84 -27.74 4.72
N ASP A 171 -13.73 -27.86 3.73
CA ASP A 171 -14.86 -28.71 3.99
C ASP A 171 -14.44 -30.12 3.67
N GLN A 172 -15.41 -31.04 3.78
CA GLN A 172 -15.24 -32.44 3.47
C GLN A 172 -14.80 -32.49 2.03
N ASP A 173 -13.62 -33.03 1.84
CA ASP A 173 -13.09 -33.31 0.51
C ASP A 173 -14.08 -34.24 -0.20
N SER A 174 -14.30 -33.85 -1.46
CA SER A 174 -15.24 -34.52 -2.34
C SER A 174 -14.84 -35.98 -2.54
N LYS A 175 -13.55 -36.20 -2.73
CA LYS A 175 -13.03 -37.51 -3.04
C LYS A 175 -12.53 -38.35 -1.90
N ASP A 176 -12.81 -38.07 -0.64
CA ASP A 176 -12.31 -38.94 0.40
C ASP A 176 -12.90 -38.68 1.77
N SER A 177 -13.95 -37.86 1.74
CA SER A 177 -14.68 -37.40 2.91
C SER A 177 -13.83 -36.90 4.11
N THR A 178 -12.79 -36.14 3.79
CA THR A 178 -11.85 -35.65 4.80
C THR A 178 -11.65 -34.13 4.85
N TYR A 179 -11.26 -33.68 6.05
CA TYR A 179 -11.07 -32.26 6.32
C TYR A 179 -9.56 -31.94 6.33
N SER A 180 -9.11 -30.70 6.10
CA SER A 180 -7.70 -30.31 6.28
C SER A 180 -7.53 -28.92 6.96
N MET A 181 -6.45 -28.66 7.72
CA MET A 181 -6.32 -27.42 8.48
C MET A 181 -5.05 -26.63 8.25
N SER A 182 -5.08 -25.31 8.23
CA SER A 182 -3.86 -24.53 8.13
C SER A 182 -3.75 -23.79 9.44
N SER A 183 -2.57 -23.53 10.00
CA SER A 183 -2.42 -22.80 11.24
C SER A 183 -1.22 -21.95 11.00
N THR A 184 -1.21 -20.63 11.06
CA THR A 184 -0.01 -19.82 10.81
C THR A 184 0.36 -19.00 12.06
N LEU A 185 1.57 -18.94 12.62
CA LEU A 185 1.91 -18.02 13.69
C LEU A 185 2.73 -16.91 13.09
N THR A 186 2.25 -15.68 12.88
CA THR A 186 3.05 -14.57 12.35
C THR A 186 3.74 -13.75 13.47
N LEU A 187 5.04 -13.54 13.29
CA LEU A 187 5.88 -12.81 14.25
C LEU A 187 6.65 -11.70 13.57
N THR A 188 7.48 -11.03 14.32
CA THR A 188 8.33 -10.06 13.71
C THR A 188 9.63 -10.83 13.64
N LYS A 189 10.53 -10.34 12.81
CA LYS A 189 11.88 -10.82 12.80
C LYS A 189 12.45 -10.69 14.23
N ASP A 190 12.31 -9.61 15.01
CA ASP A 190 12.89 -9.56 16.34
C ASP A 190 12.36 -10.70 17.19
N GLU A 191 11.06 -10.87 17.31
CA GLU A 191 10.52 -11.99 18.07
C GLU A 191 11.00 -13.34 17.54
N TYR A 192 11.27 -13.45 16.24
CA TYR A 192 11.76 -14.67 15.65
C TYR A 192 13.20 -14.98 16.08
N GLU A 193 14.12 -14.00 15.96
CA GLU A 193 15.51 -14.19 16.33
C GLU A 193 15.63 -14.34 17.82
N ARG A 194 14.64 -13.95 18.60
CA ARG A 194 14.76 -14.14 20.03
C ARG A 194 14.51 -15.56 20.45
N HIS A 195 14.17 -16.55 19.63
CA HIS A 195 13.80 -17.89 20.12
C HIS A 195 14.40 -19.04 19.28
N ASN A 196 14.16 -20.31 19.62
CA ASN A 196 14.72 -21.34 18.79
C ASN A 196 13.73 -22.39 18.55
N SER A 197 13.23 -23.08 19.57
CA SER A 197 12.23 -24.10 19.27
C SER A 197 10.89 -23.48 18.84
N TYR A 198 10.19 -24.01 17.87
CA TYR A 198 8.85 -23.62 17.44
C TYR A 198 7.97 -24.87 17.37
N THR A 199 6.94 -25.09 18.16
CA THR A 199 6.16 -26.29 18.06
C THR A 199 4.72 -26.03 17.64
N CYS A 200 4.27 -26.85 16.68
CA CYS A 200 2.90 -26.93 16.23
C CYS A 200 2.38 -28.24 16.80
N GLU A 201 1.57 -28.27 17.86
CA GLU A 201 1.11 -29.52 18.42
C GLU A 201 -0.39 -29.76 18.16
N ALA A 202 -0.89 -30.99 17.95
CA ALA A 202 -2.27 -31.23 17.58
C ALA A 202 -2.98 -32.30 18.37
N THR A 203 -4.19 -32.16 18.84
CA THR A 203 -4.87 -33.24 19.55
C THR A 203 -5.99 -33.67 18.59
N HIS A 204 -6.33 -34.94 18.45
CA HIS A 204 -7.42 -35.37 17.61
C HIS A 204 -7.92 -36.70 18.22
N LYS A 205 -9.19 -37.06 18.04
CA LYS A 205 -9.67 -38.31 18.63
C LYS A 205 -8.81 -39.58 18.43
N THR A 206 -8.30 -39.76 17.23
CA THR A 206 -7.43 -40.82 16.81
C THR A 206 -6.22 -41.12 17.68
N SER A 207 -5.75 -40.15 18.46
CA SER A 207 -4.49 -40.28 19.15
C SER A 207 -4.68 -39.84 20.62
N THR A 208 -4.16 -40.61 21.56
CA THR A 208 -4.28 -40.30 22.98
C THR A 208 -3.36 -39.18 23.53
N SER A 209 -2.57 -38.64 22.64
CA SER A 209 -1.59 -37.64 22.98
C SER A 209 -1.50 -36.83 21.70
N PRO A 210 -0.88 -35.68 21.69
CA PRO A 210 -0.81 -34.90 20.51
C PRO A 210 0.28 -35.38 19.60
N ILE A 211 0.10 -34.93 18.38
CA ILE A 211 1.06 -35.13 17.34
C ILE A 211 1.84 -33.86 17.42
N VAL A 212 3.10 -33.98 17.78
CA VAL A 212 4.02 -32.85 17.90
C VAL A 212 4.82 -32.62 16.64
N LYS A 213 4.69 -31.52 15.92
CA LYS A 213 5.62 -31.24 14.84
C LYS A 213 6.54 -30.08 15.26
N SER A 214 7.88 -29.99 15.14
CA SER A 214 8.64 -28.81 15.57
C SER A 214 10.01 -28.52 14.96
N PHE A 215 10.72 -27.43 15.25
CA PHE A 215 12.09 -27.25 14.75
C PHE A 215 12.80 -26.18 15.54
N ASN A 216 14.13 -26.19 15.45
CA ASN A 216 14.98 -25.19 16.05
C ASN A 216 15.37 -24.28 14.94
N ARG A 217 15.23 -23.05 15.37
CA ARG A 217 15.51 -21.89 14.61
C ARG A 217 16.99 -21.97 14.29
N GLU B 1 -39.79 -20.89 -18.10
CA GLU B 1 -38.64 -20.99 -17.23
C GLU B 1 -38.63 -19.51 -16.88
N VAL B 2 -38.71 -19.28 -15.58
CA VAL B 2 -38.78 -17.96 -14.99
C VAL B 2 -37.32 -17.53 -14.94
N GLN B 3 -36.87 -16.29 -15.09
CA GLN B 3 -35.46 -15.96 -15.06
C GLN B 3 -35.20 -14.59 -14.40
N LEU B 4 -34.56 -14.63 -13.21
CA LEU B 4 -34.28 -13.44 -12.40
C LEU B 4 -32.76 -13.32 -12.43
N VAL B 5 -32.23 -12.25 -12.97
CA VAL B 5 -30.82 -12.00 -13.10
C VAL B 5 -30.50 -10.65 -12.46
N GLU B 6 -29.74 -10.66 -11.36
CA GLU B 6 -29.39 -9.51 -10.54
C GLU B 6 -28.23 -8.78 -11.14
N SER B 7 -27.98 -7.53 -10.81
CA SER B 7 -26.80 -6.82 -11.28
C SER B 7 -26.40 -5.75 -10.25
N GLY B 8 -25.34 -4.94 -10.45
CA GLY B 8 -24.99 -3.82 -9.59
C GLY B 8 -23.95 -4.03 -8.49
N GLY B 9 -23.73 -5.21 -7.88
CA GLY B 9 -22.86 -5.34 -6.72
C GLY B 9 -21.39 -5.03 -7.00
N ASP B 10 -20.79 -4.16 -6.18
CA ASP B 10 -19.41 -3.77 -6.33
C ASP B 10 -18.84 -3.55 -4.95
N LEU B 11 -17.61 -3.06 -4.95
CA LEU B 11 -16.87 -2.81 -3.76
C LEU B 11 -17.25 -1.35 -3.49
N VAL B 12 -17.74 -1.05 -2.28
CA VAL B 12 -18.37 0.21 -1.99
C VAL B 12 -17.91 0.64 -0.61
N LYS B 13 -17.46 1.89 -0.40
CA LYS B 13 -16.95 2.35 0.90
C LYS B 13 -18.05 2.30 1.95
N PRO B 14 -17.72 2.02 3.22
CA PRO B 14 -18.68 1.98 4.31
C PRO B 14 -19.23 3.38 4.28
N GLY B 15 -20.51 3.53 3.99
CA GLY B 15 -21.11 4.85 3.92
C GLY B 15 -21.84 5.03 2.61
N GLY B 16 -21.12 5.01 1.48
CA GLY B 16 -21.65 5.23 0.12
C GLY B 16 -22.95 4.54 -0.28
N SER B 17 -23.49 4.77 -1.45
CA SER B 17 -24.77 4.18 -1.88
C SER B 17 -24.56 3.21 -3.03
N LEU B 18 -25.49 2.29 -3.34
CA LEU B 18 -25.39 1.36 -4.45
C LEU B 18 -26.79 0.93 -4.83
N LYS B 19 -27.08 0.70 -6.09
CA LYS B 19 -28.43 0.33 -6.44
C LYS B 19 -28.26 -0.94 -7.24
N LEU B 20 -28.86 -2.10 -6.94
CA LEU B 20 -28.70 -3.36 -7.71
C LEU B 20 -29.90 -3.62 -8.63
N SER B 21 -29.86 -3.98 -9.89
CA SER B 21 -31.11 -4.29 -10.60
C SER B 21 -31.33 -5.83 -10.67
N CYS B 22 -32.56 -6.25 -10.94
CA CYS B 22 -32.88 -7.65 -11.08
C CYS B 22 -33.93 -7.79 -12.19
N ALA B 23 -33.45 -8.17 -13.38
CA ALA B 23 -34.25 -8.33 -14.58
C ALA B 23 -34.98 -9.68 -14.54
N ALA B 24 -36.30 -9.65 -14.75
CA ALA B 24 -37.03 -10.88 -14.58
C ALA B 24 -37.73 -11.19 -15.88
N SER B 25 -37.67 -12.41 -16.39
CA SER B 25 -38.40 -12.78 -17.58
C SER B 25 -39.13 -14.10 -17.38
N GLY B 26 -40.14 -14.35 -18.21
CA GLY B 26 -40.76 -15.64 -18.23
C GLY B 26 -41.93 -15.84 -17.32
N PHE B 27 -42.55 -14.76 -16.83
CA PHE B 27 -43.80 -14.84 -16.08
C PHE B 27 -44.40 -13.44 -16.25
N SER B 28 -45.72 -13.28 -16.01
CA SER B 28 -46.29 -11.91 -15.97
C SER B 28 -45.81 -11.27 -14.66
N PHE B 29 -44.82 -10.35 -14.86
CA PHE B 29 -44.13 -9.64 -13.82
C PHE B 29 -45.05 -8.93 -12.87
N SER B 30 -45.88 -8.10 -13.47
CA SER B 30 -46.91 -7.30 -12.85
C SER B 30 -47.80 -8.11 -11.92
N SER B 31 -47.83 -9.43 -12.03
CA SER B 31 -48.74 -10.28 -11.28
C SER B 31 -48.11 -10.65 -10.00
N TYR B 32 -46.79 -10.54 -9.86
CA TYR B 32 -46.11 -11.02 -8.64
C TYR B 32 -45.35 -9.97 -7.85
N GLY B 33 -45.31 -10.15 -6.56
CA GLY B 33 -44.46 -9.27 -5.80
C GLY B 33 -43.06 -9.85 -5.83
N MET B 34 -42.02 -9.10 -5.53
CA MET B 34 -40.66 -9.59 -5.61
C MET B 34 -39.98 -9.41 -4.29
N SER B 35 -38.87 -10.06 -3.98
CA SER B 35 -38.12 -9.89 -2.77
C SER B 35 -36.67 -9.84 -3.07
N TRP B 36 -35.83 -9.46 -2.10
CA TRP B 36 -34.35 -9.42 -2.08
C TRP B 36 -34.06 -10.11 -0.76
N VAL B 37 -33.33 -11.21 -0.77
CA VAL B 37 -32.89 -11.97 0.41
C VAL B 37 -31.37 -11.77 0.36
N ARG B 38 -30.65 -11.88 1.44
CA ARG B 38 -29.24 -11.56 1.49
C ARG B 38 -28.58 -12.72 2.16
N GLN B 39 -27.39 -13.13 1.74
CA GLN B 39 -26.74 -14.20 2.49
C GLN B 39 -25.36 -13.72 2.78
N THR B 40 -25.12 -13.72 4.08
CA THR B 40 -23.86 -13.28 4.64
C THR B 40 -22.69 -14.29 4.45
N PRO B 41 -21.41 -13.93 4.49
CA PRO B 41 -20.28 -14.87 4.51
C PRO B 41 -20.35 -15.90 5.65
N ASP B 42 -21.12 -15.73 6.72
CA ASP B 42 -21.20 -16.78 7.72
C ASP B 42 -22.31 -17.72 7.32
N LYS B 43 -22.76 -17.64 6.05
CA LYS B 43 -23.75 -18.47 5.36
C LYS B 43 -25.12 -18.54 5.99
N ARG B 44 -25.58 -17.32 6.14
CA ARG B 44 -26.79 -17.08 6.87
C ARG B 44 -27.54 -16.28 5.87
N LEU B 45 -28.77 -16.72 5.74
CA LEU B 45 -29.75 -16.06 4.90
C LEU B 45 -30.63 -15.04 5.66
N GLU B 46 -30.92 -13.94 4.99
CA GLU B 46 -31.65 -12.88 5.64
C GLU B 46 -32.67 -12.22 4.74
N TRP B 47 -33.96 -12.14 5.08
CA TRP B 47 -34.90 -11.35 4.28
C TRP B 47 -34.51 -9.85 4.35
N VAL B 48 -34.60 -9.13 3.25
CA VAL B 48 -34.22 -7.74 3.19
C VAL B 48 -35.40 -6.85 2.74
N ALA B 49 -36.27 -7.24 1.80
CA ALA B 49 -37.41 -6.42 1.41
C ALA B 49 -38.31 -7.23 0.47
N THR B 50 -39.61 -7.00 0.54
CA THR B 50 -40.67 -7.55 -0.26
C THR B 50 -41.28 -6.30 -0.95
N ILE B 51 -41.93 -6.42 -2.14
CA ILE B 51 -42.76 -5.33 -2.67
C ILE B 51 -43.98 -5.91 -3.38
N SER B 52 -45.08 -5.18 -3.36
CA SER B 52 -46.33 -5.53 -4.00
C SER B 52 -46.26 -5.75 -5.46
N ASN B 53 -47.17 -6.54 -6.02
CA ASN B 53 -47.14 -6.80 -7.48
C ASN B 53 -47.37 -5.55 -8.29
N GLY B 54 -47.99 -4.59 -7.57
CA GLY B 54 -48.33 -3.27 -8.08
C GLY B 54 -47.39 -2.17 -7.67
N GLY B 55 -46.59 -2.36 -6.61
CA GLY B 55 -45.71 -1.30 -6.14
C GLY B 55 -46.14 -0.56 -4.86
N GLY B 56 -47.40 -0.21 -4.67
CA GLY B 56 -47.84 0.53 -3.51
C GLY B 56 -47.54 -0.04 -2.15
N TYR B 57 -47.22 -1.30 -1.84
CA TYR B 57 -46.98 -1.61 -0.41
C TYR B 57 -45.49 -2.03 -0.29
N THR B 58 -44.68 -1.48 0.63
CA THR B 58 -43.32 -1.97 0.78
C THR B 58 -43.14 -2.34 2.23
N TYR B 59 -42.21 -3.28 2.54
CA TYR B 59 -42.10 -3.98 3.80
C TYR B 59 -40.59 -4.16 4.01
N TYR B 60 -40.05 -3.83 5.19
CA TYR B 60 -38.61 -3.90 5.44
C TYR B 60 -38.38 -4.47 6.84
N PRO B 61 -37.21 -5.02 7.20
CA PRO B 61 -36.82 -5.31 8.58
C PRO B 61 -36.14 -4.14 9.31
N ASP B 62 -36.18 -4.11 10.65
CA ASP B 62 -35.68 -2.99 11.47
C ASP B 62 -34.27 -2.49 11.21
N SER B 63 -33.61 -3.32 10.43
CA SER B 63 -32.23 -3.19 10.05
C SER B 63 -32.02 -2.60 8.69
N VAL B 64 -33.04 -2.25 7.91
CA VAL B 64 -32.82 -1.82 6.55
C VAL B 64 -33.57 -0.51 6.40
N LYS B 65 -34.59 -0.25 7.21
CA LYS B 65 -35.38 0.97 7.05
C LYS B 65 -34.52 2.18 7.30
N GLY B 66 -34.71 3.03 6.32
CA GLY B 66 -34.00 4.25 6.27
C GLY B 66 -32.81 4.09 5.36
N ARG B 67 -32.17 2.94 5.32
CA ARG B 67 -31.03 2.85 4.45
C ARG B 67 -31.37 2.22 3.10
N PHE B 68 -32.32 1.30 2.91
CA PHE B 68 -32.57 0.74 1.59
C PHE B 68 -34.00 0.99 1.10
N THR B 69 -34.18 0.98 -0.24
CA THR B 69 -35.45 1.09 -0.92
C THR B 69 -35.70 0.13 -2.11
N ILE B 70 -36.65 -0.81 -1.92
CA ILE B 70 -37.07 -1.71 -2.97
C ILE B 70 -37.94 -0.89 -3.91
N SER B 71 -37.79 -1.11 -5.21
CA SER B 71 -38.40 -0.29 -6.24
C SER B 71 -38.64 -1.23 -7.42
N ARG B 72 -39.63 -1.10 -8.32
CA ARG B 72 -39.74 -1.96 -9.51
C ARG B 72 -40.14 -1.07 -10.64
N ASP B 73 -39.93 -1.49 -11.88
CA ASP B 73 -40.41 -0.76 -13.03
C ASP B 73 -41.14 -1.81 -13.83
N ASN B 74 -42.46 -1.92 -13.69
CA ASN B 74 -43.13 -3.00 -14.41
C ASN B 74 -43.06 -2.82 -15.93
N ALA B 75 -42.85 -1.61 -16.45
CA ALA B 75 -42.62 -1.41 -17.89
C ALA B 75 -41.28 -1.98 -18.34
N LYS B 76 -40.28 -2.02 -17.47
CA LYS B 76 -39.00 -2.53 -17.88
C LYS B 76 -38.70 -3.89 -17.29
N ASN B 77 -39.70 -4.43 -16.61
CA ASN B 77 -39.61 -5.72 -15.96
C ASN B 77 -38.42 -5.89 -15.00
N THR B 78 -38.16 -4.91 -14.14
CA THR B 78 -36.98 -4.92 -13.31
C THR B 78 -37.21 -4.53 -11.86
N LEU B 79 -36.61 -5.22 -10.90
CA LEU B 79 -36.59 -4.76 -9.52
C LEU B 79 -35.31 -3.95 -9.32
N TYR B 80 -35.30 -3.17 -8.23
CA TYR B 80 -34.22 -2.29 -7.81
C TYR B 80 -34.17 -2.35 -6.31
N LEU B 81 -32.99 -2.01 -5.79
CA LEU B 81 -32.81 -1.77 -4.38
C LEU B 81 -31.71 -0.73 -4.35
N GLN B 82 -32.12 0.45 -3.86
CA GLN B 82 -31.17 1.51 -3.63
C GLN B 82 -30.77 1.31 -2.19
N MET B 83 -29.46 1.26 -1.96
CA MET B 83 -28.87 0.97 -0.68
C MET B 83 -28.06 2.19 -0.33
N SER B 84 -28.23 2.73 0.87
CA SER B 84 -27.50 3.91 1.25
C SER B 84 -27.21 3.69 2.71
N SER B 85 -26.20 4.45 3.14
CA SER B 85 -25.68 4.41 4.48
C SER B 85 -25.12 3.02 4.62
N LEU B 86 -24.23 2.71 3.70
CA LEU B 86 -23.73 1.35 3.69
C LEU B 86 -22.77 1.01 4.83
N LYS B 87 -23.01 -0.16 5.44
CA LYS B 87 -22.21 -0.62 6.55
C LYS B 87 -21.42 -1.85 6.22
N SER B 88 -20.46 -2.16 7.09
CA SER B 88 -19.58 -3.31 6.93
C SER B 88 -20.39 -4.57 7.03
N GLU B 89 -21.19 -4.67 8.09
CA GLU B 89 -22.10 -5.79 8.32
C GLU B 89 -23.07 -6.11 7.17
N ASP B 90 -23.12 -5.23 6.18
CA ASP B 90 -23.96 -5.42 5.03
C ASP B 90 -23.33 -6.14 3.85
N SER B 91 -22.04 -6.53 3.98
CA SER B 91 -21.36 -7.17 2.86
C SER B 91 -22.03 -8.53 2.70
N ALA B 92 -22.36 -8.90 1.45
CA ALA B 92 -23.05 -10.15 1.26
C ALA B 92 -23.42 -10.29 -0.18
N MET B 93 -24.02 -11.43 -0.48
CA MET B 93 -24.54 -11.77 -1.80
C MET B 93 -26.04 -11.41 -1.70
N TYR B 94 -26.55 -10.69 -2.68
CA TYR B 94 -27.93 -10.21 -2.71
C TYR B 94 -28.63 -10.97 -3.83
N TYR B 95 -29.70 -11.71 -3.50
CA TYR B 95 -30.54 -12.48 -4.38
C TYR B 95 -31.94 -11.89 -4.63
N CYS B 96 -32.61 -11.88 -5.81
CA CYS B 96 -34.02 -11.51 -5.79
C CYS B 96 -34.78 -12.79 -6.02
N ALA B 97 -35.86 -12.96 -5.29
CA ALA B 97 -36.70 -14.15 -5.34
C ALA B 97 -38.10 -13.62 -5.62
N ARG B 98 -38.98 -14.31 -6.22
CA ARG B 98 -40.30 -13.83 -6.49
C ARG B 98 -41.22 -14.31 -5.43
N ARG B 99 -42.26 -13.51 -5.11
CA ARG B 99 -43.30 -13.88 -4.12
C ARG B 99 -44.47 -14.73 -4.62
N GLU B 100 -44.90 -15.74 -3.89
CA GLU B 100 -45.92 -16.57 -4.49
C GLU B 100 -47.33 -16.08 -4.31
N ARG B 101 -47.72 -15.11 -5.18
CA ARG B 101 -49.00 -14.40 -5.12
C ARG B 101 -50.19 -15.33 -5.02
N TYR B 102 -50.15 -16.34 -5.90
CA TYR B 102 -51.21 -17.33 -5.97
C TYR B 102 -51.13 -18.36 -4.89
N ASP B 103 -49.98 -19.03 -4.78
CA ASP B 103 -50.02 -20.16 -3.87
C ASP B 103 -49.59 -20.01 -2.43
N GLU B 104 -49.09 -18.81 -2.12
CA GLU B 104 -48.57 -18.41 -0.85
C GLU B 104 -47.69 -19.51 -0.30
N ASN B 105 -46.65 -19.83 -1.07
CA ASN B 105 -45.82 -20.96 -0.68
C ASN B 105 -44.30 -21.01 -0.78
N GLY B 106 -43.57 -20.19 -0.05
CA GLY B 106 -42.12 -20.29 -0.03
C GLY B 106 -41.57 -19.48 -1.15
N PHE B 107 -40.27 -19.22 -1.14
CA PHE B 107 -39.70 -18.52 -2.27
C PHE B 107 -39.17 -19.61 -3.14
N ALA B 108 -40.04 -19.77 -4.14
CA ALA B 108 -39.81 -20.71 -5.21
C ALA B 108 -38.88 -20.28 -6.31
N TYR B 109 -38.75 -19.00 -6.74
CA TYR B 109 -37.85 -18.66 -7.82
C TYR B 109 -36.76 -17.73 -7.38
N TRP B 110 -35.49 -18.13 -7.46
CA TRP B 110 -34.36 -17.34 -7.00
C TRP B 110 -33.52 -16.84 -8.13
N GLY B 111 -32.81 -15.76 -7.99
CA GLY B 111 -31.94 -15.37 -9.04
C GLY B 111 -30.65 -16.05 -8.74
N GLN B 112 -29.58 -15.59 -9.36
CA GLN B 112 -28.25 -16.17 -9.15
C GLN B 112 -27.35 -15.23 -8.32
N GLY B 113 -27.86 -14.27 -7.57
CA GLY B 113 -27.01 -13.43 -6.74
C GLY B 113 -26.17 -12.42 -7.51
N THR B 114 -25.67 -11.49 -6.68
CA THR B 114 -24.77 -10.38 -6.98
C THR B 114 -24.02 -10.10 -5.67
N LEU B 115 -22.72 -9.88 -5.66
CA LEU B 115 -22.04 -9.70 -4.39
C LEU B 115 -21.75 -8.21 -4.20
N VAL B 116 -21.92 -7.77 -2.94
CA VAL B 116 -21.60 -6.43 -2.54
C VAL B 116 -20.59 -6.50 -1.38
N THR B 117 -19.45 -5.82 -1.57
CA THR B 117 -18.55 -5.69 -0.45
C THR B 117 -18.36 -4.25 -0.05
N VAL B 118 -18.95 -3.94 1.09
CA VAL B 118 -18.90 -2.63 1.70
C VAL B 118 -17.56 -2.52 2.40
N SER B 119 -16.54 -1.80 1.88
CA SER B 119 -15.23 -1.67 2.53
C SER B 119 -14.37 -0.65 1.80
N ALA B 120 -13.59 -0.16 2.74
CA ALA B 120 -12.71 0.94 2.39
C ALA B 120 -11.23 0.60 2.23
N ALA B 121 -10.86 -0.67 1.96
CA ALA B 121 -9.45 -0.95 1.88
C ALA B 121 -8.98 -0.72 0.47
N LYS B 122 -7.70 -0.40 0.30
CA LYS B 122 -7.14 -0.18 -1.03
C LYS B 122 -6.73 -1.53 -1.53
N THR B 123 -6.85 -1.62 -2.84
CA THR B 123 -6.47 -2.81 -3.58
C THR B 123 -4.98 -3.11 -3.40
N THR B 124 -4.70 -4.18 -2.66
CA THR B 124 -3.34 -4.56 -2.38
C THR B 124 -3.04 -5.92 -2.97
N ALA B 125 -1.89 -6.00 -3.63
CA ALA B 125 -1.42 -7.25 -4.18
C ALA B 125 -0.78 -8.05 -3.04
N PRO B 126 -0.85 -9.39 -3.02
CA PRO B 126 -0.20 -10.18 -2.03
C PRO B 126 1.31 -10.33 -2.14
N SER B 127 1.80 -10.76 -1.00
CA SER B 127 3.13 -11.26 -0.84
C SER B 127 3.10 -12.79 -1.07
N VAL B 128 3.85 -13.29 -2.07
CA VAL B 128 3.84 -14.72 -2.28
C VAL B 128 5.12 -15.34 -1.73
N TYR B 129 4.90 -16.21 -0.76
CA TYR B 129 5.94 -16.87 -0.04
C TYR B 129 5.90 -18.35 -0.29
N PRO B 130 6.99 -18.86 -0.86
CA PRO B 130 7.28 -20.30 -0.95
C PRO B 130 7.69 -20.99 0.34
N LEU B 131 6.95 -22.04 0.75
CA LEU B 131 7.28 -22.72 1.99
C LEU B 131 7.81 -24.15 1.72
N ALA B 132 9.15 -24.16 1.68
CA ALA B 132 9.95 -25.37 1.59
C ALA B 132 10.03 -26.07 2.95
N PRO B 133 10.07 -27.39 3.11
CA PRO B 133 9.96 -28.04 4.42
C PRO B 133 11.26 -27.88 5.20
N VAL B 134 11.23 -28.13 6.53
CA VAL B 134 12.43 -27.92 7.33
C VAL B 134 13.50 -28.94 7.01
N GLY B 140 10.48 -39.25 3.25
CA GLY B 140 9.92 -40.58 3.02
C GLY B 140 9.06 -40.61 1.76
N SER B 141 7.86 -41.11 1.86
CA SER B 141 6.92 -41.12 0.76
C SER B 141 6.65 -39.73 0.15
N SER B 142 6.02 -38.96 1.00
CA SER B 142 5.51 -37.67 0.61
C SER B 142 6.49 -36.60 1.04
N VAL B 143 6.34 -35.49 0.32
CA VAL B 143 7.05 -34.27 0.57
C VAL B 143 5.96 -33.20 0.35
N THR B 144 5.62 -32.52 1.47
CA THR B 144 4.56 -31.51 1.43
C THR B 144 5.24 -30.17 1.33
N LEU B 145 4.71 -29.34 0.46
CA LEU B 145 5.23 -27.99 0.30
C LEU B 145 4.07 -27.02 0.46
N GLY B 146 4.30 -25.74 0.75
CA GLY B 146 3.19 -24.83 0.90
C GLY B 146 3.47 -23.54 0.18
N CYS B 147 2.47 -22.66 0.15
CA CYS B 147 2.63 -21.33 -0.41
C CYS B 147 1.72 -20.41 0.43
N LEU B 148 2.27 -19.32 0.92
CA LEU B 148 1.53 -18.38 1.73
C LEU B 148 1.31 -17.21 0.83
N VAL B 149 0.03 -16.79 0.67
CA VAL B 149 -0.29 -15.59 -0.08
C VAL B 149 -0.85 -14.70 1.00
N LYS B 150 -0.14 -13.58 1.21
CA LYS B 150 -0.38 -12.69 2.34
C LYS B 150 -0.65 -11.26 2.06
N GLY B 151 -1.61 -10.65 2.73
CA GLY B 151 -1.88 -9.21 2.66
C GLY B 151 -2.40 -8.66 1.35
N TYR B 152 -3.58 -9.08 0.89
CA TYR B 152 -4.12 -8.61 -0.37
C TYR B 152 -5.55 -8.14 -0.26
N PHE B 153 -6.01 -7.35 -1.22
CA PHE B 153 -7.34 -6.84 -1.17
C PHE B 153 -7.70 -6.48 -2.59
N PRO B 154 -8.89 -6.80 -3.10
CA PRO B 154 -9.88 -7.66 -2.47
C PRO B 154 -9.69 -9.13 -2.86
N GLU B 155 -10.68 -9.99 -2.55
CA GLU B 155 -10.72 -11.32 -3.16
C GLU B 155 -11.03 -11.27 -4.66
N PRO B 156 -10.74 -12.29 -5.49
CA PRO B 156 -9.87 -13.42 -5.19
C PRO B 156 -8.46 -13.24 -5.70
N VAL B 157 -7.68 -14.22 -5.28
CA VAL B 157 -6.41 -14.51 -5.91
C VAL B 157 -6.78 -15.90 -6.40
N THR B 158 -6.03 -16.40 -7.39
CA THR B 158 -6.21 -17.76 -7.88
C THR B 158 -4.81 -18.36 -7.72
N LEU B 159 -4.66 -19.45 -6.98
CA LEU B 159 -3.33 -20.01 -6.75
C LEU B 159 -3.22 -21.35 -7.45
N THR B 160 -2.25 -21.64 -8.34
CA THR B 160 -2.08 -22.95 -8.99
C THR B 160 -0.64 -23.44 -8.82
N TRP B 161 -0.42 -24.76 -8.79
CA TRP B 161 0.91 -25.32 -8.62
C TRP B 161 1.20 -25.92 -9.95
N ASN B 162 2.26 -25.34 -10.47
CA ASN B 162 2.79 -25.62 -11.81
C ASN B 162 1.67 -25.58 -12.87
N SER B 163 1.04 -24.42 -12.91
CA SER B 163 0.01 -24.08 -13.86
C SER B 163 -1.06 -25.13 -14.12
N GLY B 164 -1.59 -25.72 -13.05
CA GLY B 164 -2.72 -26.61 -13.19
C GLY B 164 -2.35 -28.00 -13.68
N SER B 165 -1.05 -28.24 -13.76
CA SER B 165 -0.50 -29.54 -14.13
C SER B 165 -0.42 -30.36 -12.85
N LEU B 166 0.00 -29.69 -11.77
CA LEU B 166 0.03 -30.36 -10.50
C LEU B 166 -1.34 -29.97 -9.99
N SER B 167 -2.09 -31.03 -9.75
CA SER B 167 -3.46 -30.89 -9.38
C SER B 167 -3.94 -32.11 -8.64
N SER B 168 -3.07 -32.79 -7.89
CA SER B 168 -3.48 -33.93 -7.08
C SER B 168 -2.76 -33.70 -5.78
N GLY B 169 -3.48 -33.94 -4.69
CA GLY B 169 -2.92 -33.71 -3.37
C GLY B 169 -2.61 -32.24 -3.07
N VAL B 170 -3.43 -31.33 -3.64
CA VAL B 170 -3.24 -29.91 -3.48
C VAL B 170 -4.34 -29.52 -2.51
N HIS B 171 -4.05 -28.57 -1.61
CA HIS B 171 -4.99 -28.07 -0.63
C HIS B 171 -4.95 -26.58 -0.60
N THR B 172 -6.02 -25.91 -1.08
CA THR B 172 -6.10 -24.46 -0.99
C THR B 172 -7.17 -24.15 0.07
N PHE B 173 -6.73 -23.39 1.10
CA PHE B 173 -7.53 -23.13 2.26
C PHE B 173 -8.30 -21.85 2.03
N PRO B 174 -9.52 -21.76 2.58
CA PRO B 174 -10.38 -20.57 2.50
C PRO B 174 -9.69 -19.33 3.09
N ALA B 175 -9.76 -18.18 2.40
CA ALA B 175 -9.05 -16.98 2.83
C ALA B 175 -9.66 -16.25 4.07
N VAL B 176 -8.90 -15.72 5.06
CA VAL B 176 -9.45 -15.01 6.22
C VAL B 176 -9.03 -13.55 6.16
N LEU B 177 -9.98 -12.71 6.59
CA LEU B 177 -9.81 -11.27 6.64
C LEU B 177 -9.27 -10.81 7.98
N GLN B 178 -8.07 -10.25 7.79
CA GLN B 178 -7.21 -9.56 8.78
C GLN B 178 -7.71 -8.13 8.88
N SER B 179 -7.00 -7.18 9.46
CA SER B 179 -7.41 -5.80 9.50
C SER B 179 -7.37 -5.28 8.06
N ASP B 180 -8.57 -5.49 7.49
CA ASP B 180 -9.00 -5.18 6.14
C ASP B 180 -8.26 -5.84 4.97
N LEU B 181 -7.31 -6.72 5.34
CA LEU B 181 -6.42 -7.41 4.44
C LEU B 181 -6.68 -8.90 4.52
N TYR B 182 -6.44 -9.66 3.44
CA TYR B 182 -6.60 -11.11 3.49
C TYR B 182 -5.30 -11.88 3.54
N THR B 183 -5.45 -13.14 3.86
CA THR B 183 -4.37 -14.09 3.87
C THR B 183 -5.03 -15.45 3.66
N LEU B 184 -4.33 -16.26 2.82
CA LEU B 184 -4.67 -17.61 2.36
C LEU B 184 -3.37 -18.45 2.15
N SER B 185 -3.42 -19.78 2.26
CA SER B 185 -2.25 -20.64 2.04
C SER B 185 -2.64 -21.92 1.32
N SER B 186 -1.66 -22.64 0.77
CA SER B 186 -1.97 -23.92 0.15
C SER B 186 -0.88 -24.96 0.34
N SER B 187 -1.24 -26.25 0.38
CA SER B 187 -0.27 -27.31 0.51
C SER B 187 -0.31 -28.29 -0.64
N VAL B 188 0.79 -28.74 -1.23
CA VAL B 188 0.73 -29.79 -2.19
C VAL B 188 1.61 -30.91 -1.64
N THR B 189 1.22 -32.18 -1.86
CA THR B 189 2.05 -33.32 -1.47
C THR B 189 2.50 -34.05 -2.73
N VAL B 190 3.77 -34.02 -2.88
CA VAL B 190 4.49 -34.63 -3.96
C VAL B 190 5.19 -35.88 -3.34
N THR B 191 6.01 -36.62 -4.08
CA THR B 191 6.80 -37.70 -3.49
C THR B 191 8.29 -37.35 -3.52
N SER B 192 9.07 -38.06 -2.71
CA SER B 192 10.50 -37.86 -2.61
C SER B 192 11.33 -37.75 -3.89
N SER B 193 10.85 -38.52 -4.86
CA SER B 193 11.45 -38.57 -6.18
C SER B 193 11.03 -37.35 -6.99
N THR B 194 9.80 -36.87 -6.78
CA THR B 194 9.36 -35.73 -7.54
C THR B 194 10.24 -34.53 -7.24
N TRP B 195 10.35 -34.08 -5.99
CA TRP B 195 11.08 -32.85 -5.76
C TRP B 195 12.36 -33.27 -5.03
N PRO B 196 13.56 -32.77 -5.38
CA PRO B 196 13.80 -31.60 -6.21
C PRO B 196 13.95 -31.88 -7.67
N SER B 197 13.94 -33.15 -8.06
CA SER B 197 14.12 -33.55 -9.45
C SER B 197 13.11 -32.94 -10.42
N GLN B 198 11.96 -32.51 -9.90
CA GLN B 198 10.92 -31.85 -10.65
C GLN B 198 10.61 -30.67 -9.75
N SER B 199 10.64 -29.51 -10.40
CA SER B 199 10.44 -28.24 -9.76
C SER B 199 8.98 -28.02 -9.55
N ILE B 200 8.64 -27.57 -8.35
CA ILE B 200 7.27 -27.25 -8.08
C ILE B 200 7.32 -25.71 -7.97
N THR B 201 6.39 -25.00 -8.59
CA THR B 201 6.27 -23.55 -8.59
C THR B 201 4.80 -23.13 -8.28
N CYS B 202 4.58 -22.20 -7.35
CA CYS B 202 3.24 -21.71 -7.03
C CYS B 202 2.92 -20.54 -7.92
N ASN B 203 1.71 -20.37 -8.47
CA ASN B 203 1.39 -19.26 -9.38
C ASN B 203 0.26 -18.48 -8.78
N VAL B 204 0.45 -17.19 -8.54
CA VAL B 204 -0.54 -16.40 -7.82
C VAL B 204 -0.87 -15.13 -8.57
N ALA B 205 -2.09 -15.08 -9.08
CA ALA B 205 -2.51 -13.90 -9.77
C ALA B 205 -3.60 -13.32 -8.91
N HIS B 206 -3.49 -12.00 -8.84
CA HIS B 206 -4.44 -11.14 -8.17
C HIS B 206 -4.86 -10.26 -9.35
N PRO B 207 -5.93 -10.62 -10.06
CA PRO B 207 -6.53 -9.80 -11.12
C PRO B 207 -6.65 -8.31 -10.84
N ALA B 208 -7.26 -8.00 -9.69
CA ALA B 208 -7.47 -6.67 -9.14
C ALA B 208 -6.24 -5.74 -9.11
N SER B 209 -5.07 -6.26 -8.79
CA SER B 209 -3.89 -5.43 -8.86
C SER B 209 -3.06 -5.84 -10.07
N SER B 210 -3.66 -6.57 -11.02
CA SER B 210 -3.02 -7.11 -12.21
C SER B 210 -1.66 -7.73 -11.90
N THR B 211 -1.72 -8.53 -10.84
CA THR B 211 -0.55 -9.19 -10.32
C THR B 211 -0.63 -10.62 -10.79
N LYS B 212 0.53 -11.22 -11.08
CA LYS B 212 0.63 -12.62 -11.39
C LYS B 212 2.06 -12.88 -10.92
N VAL B 213 2.33 -13.56 -9.81
CA VAL B 213 3.70 -13.87 -9.36
C VAL B 213 3.87 -15.38 -9.47
N ASP B 214 5.07 -15.87 -9.77
CA ASP B 214 5.33 -17.31 -9.92
C ASP B 214 6.46 -17.76 -8.98
N LYS B 215 6.17 -18.44 -7.85
CA LYS B 215 7.17 -18.84 -6.85
C LYS B 215 7.74 -20.27 -6.80
N LYS B 216 8.96 -20.35 -7.37
CA LYS B 216 9.75 -21.56 -7.44
C LYS B 216 10.14 -21.92 -6.02
N ILE B 217 9.52 -22.93 -5.44
CA ILE B 217 9.88 -23.24 -4.06
C ILE B 217 11.15 -24.12 -4.02
N GLU B 218 12.28 -23.49 -3.71
CA GLU B 218 13.58 -24.17 -3.64
C GLU B 218 13.83 -24.92 -2.34
N PRO B 219 14.69 -25.96 -2.27
CA PRO B 219 15.13 -26.57 -1.01
C PRO B 219 16.18 -25.77 -0.24
N ARG B 220 16.18 -25.81 0.99
N TYR C 1 -54.72 -4.31 -10.16
CA TYR C 1 -55.15 -4.67 -8.82
C TYR C 1 -53.78 -4.81 -8.16
N ASP C 2 -53.60 -4.47 -6.89
CA ASP C 2 -52.31 -4.48 -6.21
C ASP C 2 -52.58 -5.00 -4.84
N VAL C 3 -51.99 -6.12 -4.54
CA VAL C 3 -52.31 -6.78 -3.29
C VAL C 3 -51.22 -6.71 -2.21
N PRO C 4 -51.59 -6.72 -0.93
CA PRO C 4 -50.66 -6.85 0.18
C PRO C 4 -49.89 -8.16 0.20
N ASP C 5 -48.76 -8.27 0.85
CA ASP C 5 -48.09 -9.57 0.92
C ASP C 5 -48.83 -10.45 1.92
N TYR C 6 -48.87 -11.76 1.72
CA TYR C 6 -49.57 -12.65 2.64
C TYR C 6 -48.95 -12.67 4.02
N ALA C 7 -47.67 -12.34 4.05
CA ALA C 7 -46.97 -12.39 5.31
C ALA C 7 -47.02 -11.00 6.05
N SER C 8 -47.78 -10.02 5.56
CA SER C 8 -47.87 -8.68 6.15
C SER C 8 -48.90 -8.75 7.28
N ASP D 1 36.65 10.36 -20.20
CA ASP D 1 36.13 11.05 -19.03
C ASP D 1 36.54 12.47 -19.35
N ILE D 2 35.78 13.17 -20.19
CA ILE D 2 36.12 14.55 -20.48
C ILE D 2 35.71 15.19 -19.12
N VAL D 3 36.47 16.07 -18.45
CA VAL D 3 36.01 16.68 -17.20
C VAL D 3 35.40 17.97 -17.67
N MET D 4 34.16 18.23 -17.22
CA MET D 4 33.45 19.44 -17.59
C MET D 4 33.57 20.40 -16.38
N THR D 5 34.27 21.52 -16.51
CA THR D 5 34.39 22.45 -15.40
C THR D 5 33.57 23.73 -15.72
N GLN D 6 32.65 24.17 -14.85
CA GLN D 6 31.85 25.36 -15.11
C GLN D 6 32.19 26.47 -14.13
N SER D 7 32.07 27.72 -14.55
CA SER D 7 32.47 28.83 -13.76
C SER D 7 31.54 30.01 -13.99
N PRO D 8 31.17 30.74 -12.94
CA PRO D 8 31.48 30.43 -11.55
C PRO D 8 30.41 29.52 -11.01
N SER D 9 30.55 28.91 -9.83
CA SER D 9 29.46 28.11 -9.31
C SER D 9 28.21 28.86 -8.89
N SER D 10 28.37 30.20 -8.66
CA SER D 10 27.39 31.14 -8.14
C SER D 10 27.60 32.50 -8.76
N LEU D 11 26.51 33.13 -9.15
CA LEU D 11 26.55 34.35 -9.93
C LEU D 11 25.39 35.19 -9.41
N THR D 12 25.56 36.48 -9.14
CA THR D 12 24.48 37.30 -8.60
C THR D 12 24.10 38.27 -9.67
N VAL D 13 22.86 38.05 -10.02
CA VAL D 13 22.29 38.75 -11.12
C VAL D 13 21.37 39.78 -10.51
N THR D 14 21.16 40.77 -11.34
CA THR D 14 20.22 41.83 -11.11
C THR D 14 19.33 41.74 -12.35
N ALA D 15 17.99 41.78 -12.24
CA ALA D 15 17.12 41.63 -13.41
C ALA D 15 17.35 42.72 -14.43
N GLY D 16 17.47 42.19 -15.63
CA GLY D 16 17.65 42.95 -16.82
C GLY D 16 19.10 42.99 -17.24
N GLU D 17 20.05 42.39 -16.51
CA GLU D 17 21.43 42.41 -16.99
C GLU D 17 21.87 41.27 -17.93
N LYS D 18 23.02 41.52 -18.57
CA LYS D 18 23.70 40.55 -19.43
C LYS D 18 24.55 39.70 -18.51
N VAL D 19 24.42 38.39 -18.61
CA VAL D 19 25.15 37.44 -17.79
C VAL D 19 25.81 36.42 -18.75
N THR D 20 26.87 35.76 -18.29
CA THR D 20 27.66 34.81 -19.04
C THR D 20 28.25 33.83 -18.05
N MET D 21 28.02 32.57 -18.30
CA MET D 21 28.63 31.54 -17.48
C MET D 21 29.49 30.72 -18.41
N SER D 22 30.48 29.98 -17.95
CA SER D 22 31.27 29.24 -18.88
C SER D 22 31.25 27.79 -18.48
N CYS D 23 31.56 26.96 -19.47
CA CYS D 23 31.72 25.53 -19.28
C CYS D 23 32.99 25.24 -20.06
N THR D 24 33.91 24.49 -19.50
CA THR D 24 35.14 24.17 -20.19
C THR D 24 35.11 22.65 -20.20
N SER D 25 35.53 22.00 -21.30
CA SER D 25 35.60 20.53 -21.39
C SER D 25 37.10 20.20 -21.35
N SER D 26 37.61 19.15 -20.68
CA SER D 26 39.03 18.78 -20.77
C SER D 26 39.53 18.32 -22.15
N GLN D 27 38.71 18.06 -23.16
CA GLN D 27 39.09 17.55 -24.48
C GLN D 27 37.95 18.00 -25.36
N SER D 28 38.29 18.38 -26.59
CA SER D 28 37.34 18.85 -27.57
C SER D 28 36.05 18.06 -27.64
N LEU D 29 34.92 18.71 -27.90
CA LEU D 29 33.66 18.00 -28.03
C LEU D 29 33.15 18.05 -29.44
N PHE D 30 33.92 18.52 -30.40
CA PHE D 30 33.43 18.67 -31.78
C PHE D 30 33.32 17.30 -32.39
N ASN D 31 32.15 16.91 -32.83
CA ASN D 31 31.90 15.62 -33.44
C ASN D 31 32.02 15.87 -34.93
N SER D 32 32.97 15.28 -35.67
CA SER D 32 33.11 15.60 -37.09
C SER D 32 32.24 14.86 -38.07
N GLY D 33 31.45 13.90 -37.55
CA GLY D 33 30.40 13.28 -38.34
C GLY D 33 29.30 14.35 -38.49
N LYS D 34 28.69 14.82 -37.37
CA LYS D 34 27.70 15.87 -37.53
C LYS D 34 28.23 17.26 -37.77
N GLN D 35 29.52 17.48 -37.52
CA GLN D 35 30.18 18.75 -37.70
C GLN D 35 29.60 19.76 -36.71
N LYS D 36 29.48 19.37 -35.42
CA LYS D 36 28.84 20.21 -34.42
C LYS D 36 29.46 19.82 -33.10
N ASN D 37 29.60 20.66 -32.06
CA ASN D 37 30.17 20.20 -30.81
C ASN D 37 29.04 19.52 -30.11
N TYR D 38 29.21 18.47 -29.34
CA TYR D 38 28.10 17.86 -28.65
C TYR D 38 28.18 18.19 -27.16
N LEU D 39 27.79 19.45 -27.01
CA LEU D 39 27.71 20.12 -25.72
C LEU D 39 26.25 20.54 -25.60
N THR D 40 25.64 20.29 -24.43
CA THR D 40 24.24 20.61 -24.18
C THR D 40 24.11 21.40 -22.86
N TRP D 41 23.23 22.40 -22.81
CA TRP D 41 22.99 23.22 -21.63
C TRP D 41 21.63 22.88 -21.04
N TYR D 42 21.48 22.78 -19.72
CA TYR D 42 20.23 22.46 -19.04
C TYR D 42 20.00 23.47 -17.94
N GLN D 43 18.75 23.95 -17.74
CA GLN D 43 18.33 24.80 -16.63
C GLN D 43 17.56 23.88 -15.69
N GLN D 44 17.67 23.92 -14.38
CA GLN D 44 16.84 23.06 -13.54
C GLN D 44 16.27 23.92 -12.41
N LYS D 45 14.96 24.12 -12.41
CA LYS D 45 14.36 24.92 -11.36
C LYS D 45 14.06 23.97 -10.20
N PRO D 46 13.82 24.38 -8.95
CA PRO D 46 13.78 23.52 -7.76
C PRO D 46 12.62 22.56 -7.88
N GLY D 47 12.91 21.30 -7.51
CA GLY D 47 11.95 20.22 -7.60
C GLY D 47 11.62 19.82 -9.06
N GLN D 48 12.39 20.23 -10.08
CA GLN D 48 12.11 19.90 -11.45
C GLN D 48 13.23 19.01 -11.99
N PRO D 49 13.01 18.06 -12.92
CA PRO D 49 13.99 17.48 -13.84
C PRO D 49 14.86 18.48 -14.60
N PRO D 50 16.16 18.30 -15.07
CA PRO D 50 16.87 19.32 -15.89
C PRO D 50 16.11 19.64 -17.17
N LYS D 51 16.35 20.68 -17.98
CA LYS D 51 15.57 20.90 -19.17
C LYS D 51 16.54 21.52 -20.09
N VAL D 52 16.51 21.10 -21.32
CA VAL D 52 17.41 21.57 -22.35
C VAL D 52 17.13 23.00 -22.64
N LEU D 53 18.15 23.83 -22.76
CA LEU D 53 17.93 25.16 -23.32
C LEU D 53 18.62 25.21 -24.65
N ILE D 54 19.87 24.76 -24.72
CA ILE D 54 20.68 24.82 -25.93
C ILE D 54 21.42 23.49 -26.20
N TYR D 55 21.25 22.90 -27.37
CA TYR D 55 22.05 21.73 -27.74
C TYR D 55 23.02 22.16 -28.84
N TRP D 56 23.93 21.24 -29.27
CA TRP D 56 25.00 21.44 -30.26
C TRP D 56 25.66 22.79 -30.08
N ALA D 57 26.05 23.05 -28.84
CA ALA D 57 26.68 24.27 -28.30
C ALA D 57 25.92 25.57 -28.50
N SER D 58 25.13 25.74 -29.56
CA SER D 58 24.54 26.99 -29.92
C SER D 58 23.10 26.93 -30.35
N THR D 59 22.45 25.77 -30.47
CA THR D 59 21.07 25.74 -30.93
C THR D 59 20.09 25.80 -29.72
N ARG D 60 19.23 26.81 -29.77
CA ARG D 60 18.22 27.08 -28.76
C ARG D 60 17.03 26.18 -29.10
N GLU D 61 16.50 25.56 -28.05
CA GLU D 61 15.41 24.63 -28.13
C GLU D 61 14.14 25.33 -28.53
N SER D 62 13.10 24.62 -28.97
CA SER D 62 11.84 25.25 -29.33
C SER D 62 11.18 25.56 -27.99
N GLY D 63 10.72 26.80 -27.90
CA GLY D 63 10.09 27.28 -26.67
C GLY D 63 11.06 27.91 -25.67
N VAL D 64 12.33 28.06 -26.05
CA VAL D 64 13.33 28.61 -25.19
C VAL D 64 13.51 29.94 -25.85
N PRO D 65 13.55 30.94 -24.94
CA PRO D 65 13.63 32.35 -25.23
C PRO D 65 14.91 32.87 -25.86
N ASP D 66 14.73 33.87 -26.74
CA ASP D 66 15.80 34.64 -27.40
C ASP D 66 16.92 35.19 -26.53
N ARG D 67 16.67 35.43 -25.21
CA ARG D 67 17.72 36.04 -24.39
C ARG D 67 18.82 35.02 -24.04
N PHE D 68 18.60 33.76 -24.41
CA PHE D 68 19.49 32.68 -24.11
C PHE D 68 20.27 32.54 -25.38
N THR D 69 21.61 32.45 -25.26
CA THR D 69 22.54 32.21 -26.36
C THR D 69 23.65 31.30 -25.91
N GLY D 70 24.25 30.54 -26.81
CA GLY D 70 25.32 29.65 -26.42
C GLY D 70 26.36 29.73 -27.51
N SER D 71 27.57 29.99 -27.05
CA SER D 71 28.71 30.17 -27.90
C SER D 71 29.87 29.21 -27.58
N GLY D 72 30.90 29.36 -28.43
CA GLY D 72 32.12 28.59 -28.31
C GLY D 72 32.18 27.33 -29.16
N SER D 73 33.43 26.91 -29.31
CA SER D 73 33.74 25.69 -30.03
C SER D 73 35.08 25.14 -29.53
N GLY D 74 35.28 23.87 -29.86
CA GLY D 74 36.45 23.15 -29.39
C GLY D 74 36.27 22.81 -27.92
N THR D 75 36.85 23.62 -27.03
CA THR D 75 36.83 23.36 -25.60
C THR D 75 36.16 24.50 -24.81
N ASP D 76 36.04 25.72 -25.35
CA ASP D 76 35.49 26.83 -24.58
C ASP D 76 34.17 27.24 -25.10
N PHE D 77 33.27 27.09 -24.15
CA PHE D 77 31.87 27.30 -24.41
C PHE D 77 31.35 28.24 -23.36
N THR D 78 30.42 29.16 -23.74
CA THR D 78 29.80 30.09 -22.77
C THR D 78 28.28 30.18 -22.85
N LEU D 79 27.44 30.07 -21.80
CA LEU D 79 26.02 30.44 -21.94
C LEU D 79 25.87 31.95 -21.65
N THR D 80 25.02 32.70 -22.35
CA THR D 80 24.82 34.13 -22.16
C THR D 80 23.33 34.39 -22.00
N ILE D 81 22.96 35.31 -21.10
CA ILE D 81 21.56 35.68 -20.95
C ILE D 81 21.59 37.17 -20.97
N SER D 82 21.11 37.74 -22.05
CA SER D 82 20.99 39.19 -22.25
C SER D 82 20.25 40.04 -21.22
N SER D 83 19.09 39.60 -20.78
CA SER D 83 18.32 40.36 -19.86
C SER D 83 17.95 39.28 -18.90
N VAL D 84 18.61 39.10 -17.76
CA VAL D 84 18.14 38.03 -16.87
C VAL D 84 16.81 38.46 -16.27
N GLN D 85 15.89 37.53 -16.23
CA GLN D 85 14.61 37.78 -15.62
C GLN D 85 14.58 36.85 -14.43
N ALA D 86 13.51 36.90 -13.65
CA ALA D 86 13.44 36.05 -12.46
C ALA D 86 12.93 34.63 -12.77
N GLU D 87 12.44 34.32 -13.99
CA GLU D 87 12.10 32.96 -14.44
C GLU D 87 13.44 32.25 -14.44
N ASP D 88 14.43 32.94 -14.95
CA ASP D 88 15.81 32.52 -15.12
C ASP D 88 16.62 32.17 -13.91
N LEU D 89 16.00 32.10 -12.76
CA LEU D 89 16.77 31.76 -11.60
C LEU D 89 16.58 30.27 -11.56
N ALA D 90 17.76 29.64 -11.64
CA ALA D 90 17.91 28.18 -11.56
C ALA D 90 19.39 27.88 -11.62
N VAL D 91 19.75 26.60 -11.57
CA VAL D 91 21.13 26.14 -11.79
C VAL D 91 21.15 25.64 -13.21
N TYR D 92 22.22 26.05 -13.86
CA TYR D 92 22.49 25.87 -15.28
C TYR D 92 23.65 24.87 -15.39
N TYR D 93 23.47 23.66 -15.94
CA TYR D 93 24.60 22.73 -16.10
C TYR D 93 24.99 22.52 -17.54
N CYS D 94 26.24 22.24 -17.82
CA CYS D 94 26.61 21.90 -19.20
C CYS D 94 26.82 20.38 -19.20
N GLN D 95 26.87 19.75 -20.36
CA GLN D 95 27.07 18.32 -20.41
C GLN D 95 27.74 17.96 -21.68
N ASN D 96 28.61 16.98 -21.44
CA ASN D 96 29.38 16.23 -22.44
C ASN D 96 28.44 15.27 -23.10
N ASP D 97 27.96 15.50 -24.29
CA ASP D 97 27.12 14.50 -24.93
C ASP D 97 28.01 13.89 -26.07
N TYR D 98 29.34 14.07 -26.06
CA TYR D 98 30.17 13.63 -27.18
C TYR D 98 30.74 12.19 -27.17
N SER D 99 31.29 11.73 -26.03
CA SER D 99 31.99 10.47 -25.82
C SER D 99 31.65 9.89 -24.49
N ASN D 100 31.58 8.58 -24.32
CA ASN D 100 31.33 8.02 -23.01
C ASN D 100 32.51 8.03 -22.03
N PRO D 101 32.35 8.00 -20.70
CA PRO D 101 31.18 8.42 -19.98
C PRO D 101 30.70 9.77 -20.42
N LEU D 102 29.39 9.86 -20.17
CA LEU D 102 28.71 11.10 -20.35
C LEU D 102 28.92 11.91 -19.08
N THR D 103 29.38 13.16 -19.28
CA THR D 103 29.68 13.92 -18.08
C THR D 103 28.98 15.28 -17.92
N PHE D 104 28.71 15.72 -16.69
CA PHE D 104 28.09 17.00 -16.35
C PHE D 104 29.03 17.98 -15.63
N GLY D 105 28.76 19.26 -15.93
CA GLY D 105 29.39 20.36 -15.27
C GLY D 105 28.79 20.38 -13.87
N GLY D 106 29.33 21.19 -12.93
CA GLY D 106 28.87 21.21 -11.54
C GLY D 106 27.73 22.19 -11.23
N GLY D 107 27.26 22.92 -12.24
CA GLY D 107 26.26 23.96 -12.09
C GLY D 107 26.81 25.35 -11.71
N THR D 108 26.12 26.34 -12.28
CA THR D 108 26.32 27.74 -11.94
C THR D 108 24.94 28.04 -11.45
N LYS D 109 24.85 28.66 -10.28
CA LYS D 109 23.56 28.97 -9.74
C LYS D 109 23.32 30.47 -9.77
N LEU D 110 22.17 30.91 -10.31
CA LEU D 110 21.83 32.33 -10.27
C LEU D 110 21.04 32.70 -8.96
N GLU D 111 21.57 33.69 -8.22
CA GLU D 111 20.91 34.23 -7.06
C GLU D 111 20.74 35.68 -7.42
N LEU D 112 19.68 36.33 -6.94
CA LEU D 112 19.31 37.76 -7.22
C LEU D 112 19.95 38.73 -6.26
N LYS D 113 20.48 39.81 -6.72
CA LYS D 113 21.13 40.80 -5.88
C LYS D 113 20.08 41.62 -5.12
N ARG D 114 20.46 42.05 -3.94
CA ARG D 114 19.54 42.65 -3.01
C ARG D 114 20.35 43.67 -2.17
N ALA D 115 19.78 44.47 -1.24
CA ALA D 115 20.60 45.39 -0.46
C ALA D 115 21.07 44.61 0.76
N ASP D 116 22.17 44.95 1.44
CA ASP D 116 22.59 44.20 2.61
C ASP D 116 21.49 44.32 3.64
N ALA D 117 21.39 43.24 4.42
CA ALA D 117 20.47 43.10 5.50
C ALA D 117 21.28 42.28 6.49
N ALA D 118 21.31 42.60 7.76
CA ALA D 118 22.12 41.93 8.74
C ALA D 118 21.14 41.15 9.57
N PRO D 119 21.60 40.02 10.13
CA PRO D 119 20.69 39.03 10.66
C PRO D 119 19.99 39.51 11.93
N THR D 120 18.75 39.05 12.06
CA THR D 120 18.15 39.22 13.37
C THR D 120 18.65 37.94 14.03
N VAL D 121 19.58 38.04 15.00
CA VAL D 121 20.10 36.80 15.59
C VAL D 121 19.26 36.45 16.81
N SER D 122 18.96 35.21 17.18
CA SER D 122 18.04 34.92 18.26
C SER D 122 18.52 33.69 19.06
N ILE D 123 19.02 33.66 20.31
CA ILE D 123 19.45 32.44 21.02
C ILE D 123 18.35 31.79 21.84
N PHE D 124 18.41 30.47 22.08
CA PHE D 124 17.39 29.78 22.86
C PHE D 124 18.09 28.78 23.73
N PRO D 125 17.72 28.62 25.00
CA PRO D 125 18.24 27.56 25.87
C PRO D 125 17.77 26.16 25.49
N PRO D 126 18.27 25.07 26.11
CA PRO D 126 17.70 23.72 26.10
C PRO D 126 16.25 23.60 26.54
N SER D 127 15.37 22.95 25.79
CA SER D 127 13.99 22.68 26.21
C SER D 127 14.02 21.80 27.46
N SER D 128 13.03 21.82 28.35
CA SER D 128 13.03 20.95 29.52
C SER D 128 13.10 19.48 29.12
N GLU D 129 12.18 19.18 28.18
CA GLU D 129 11.92 17.85 27.61
C GLU D 129 13.17 17.04 27.35
N GLN D 130 14.07 17.73 26.64
CA GLN D 130 15.40 17.25 26.31
C GLN D 130 16.22 16.93 27.54
N LEU D 131 16.32 17.92 28.45
CA LEU D 131 17.12 17.78 29.63
C LEU D 131 16.79 16.61 30.53
N THR D 132 15.52 16.20 30.39
CA THR D 132 15.00 15.05 31.10
C THR D 132 15.38 13.74 30.36
N SER D 133 15.51 13.76 29.02
CA SER D 133 16.04 12.65 28.25
C SER D 133 17.57 12.57 28.43
N GLY D 134 18.26 13.66 28.76
CA GLY D 134 19.69 13.57 29.09
C GLY D 134 20.59 14.44 28.26
N GLY D 135 20.04 15.13 27.24
CA GLY D 135 20.89 15.91 26.36
C GLY D 135 20.44 17.34 26.50
N ALA D 136 21.19 18.26 25.94
CA ALA D 136 20.91 19.67 26.08
C ALA D 136 21.37 20.37 24.82
N SER D 137 20.56 20.60 23.81
CA SER D 137 21.01 21.33 22.63
C SER D 137 20.68 22.84 22.86
N VAL D 138 21.59 23.80 22.56
CA VAL D 138 21.29 25.21 22.66
C VAL D 138 21.13 25.66 21.22
N VAL D 139 20.10 26.46 20.82
CA VAL D 139 19.85 26.82 19.42
C VAL D 139 20.04 28.28 19.13
N CYS D 140 20.52 28.68 17.98
CA CYS D 140 20.64 30.08 17.63
C CYS D 140 20.14 30.20 16.19
N PHE D 141 19.14 31.06 15.97
CA PHE D 141 18.59 31.28 14.67
C PHE D 141 19.14 32.63 14.16
N LEU D 142 19.54 32.74 12.90
CA LEU D 142 20.15 33.94 12.37
C LEU D 142 19.45 34.18 11.05
N ASN D 143 18.30 34.75 11.30
CA ASN D 143 17.38 35.00 10.23
C ASN D 143 17.56 36.29 9.47
N ASN D 144 17.05 36.15 8.27
CA ASN D 144 16.87 37.22 7.32
C ASN D 144 18.00 38.13 6.94
N PHE D 145 19.18 37.57 6.67
CA PHE D 145 20.27 38.42 6.26
C PHE D 145 20.45 38.31 4.76
N TYR D 146 21.34 39.12 4.23
CA TYR D 146 21.75 39.12 2.85
C TYR D 146 23.11 39.85 2.94
N PRO D 147 24.28 39.50 2.32
CA PRO D 147 24.49 38.35 1.42
C PRO D 147 24.58 37.08 2.22
N LYS D 148 24.93 35.97 1.56
CA LYS D 148 24.90 34.71 2.23
C LYS D 148 26.06 34.42 3.13
N ASP D 149 27.11 35.22 3.09
CA ASP D 149 28.31 34.85 3.84
C ASP D 149 28.21 35.37 5.23
N ILE D 150 28.20 34.44 6.15
CA ILE D 150 28.10 34.77 7.54
C ILE D 150 28.96 33.79 8.35
N ASN D 151 29.50 34.16 9.52
CA ASN D 151 30.14 33.21 10.41
C ASN D 151 29.23 33.03 11.59
N VAL D 152 29.40 31.97 12.34
CA VAL D 152 28.76 31.80 13.65
C VAL D 152 29.87 31.27 14.59
N LYS D 153 29.79 31.34 15.91
CA LYS D 153 30.80 30.83 16.82
C LYS D 153 30.23 30.64 18.19
N TRP D 154 30.24 29.49 18.74
CA TRP D 154 29.72 29.30 20.05
C TRP D 154 30.89 29.54 20.97
N LYS D 155 30.62 30.14 22.16
CA LYS D 155 31.57 30.32 23.25
C LYS D 155 30.84 29.76 24.45
N ILE D 156 31.49 28.97 25.29
CA ILE D 156 30.91 28.51 26.52
C ILE D 156 31.93 29.13 27.47
N ASP D 157 31.41 29.84 28.49
CA ASP D 157 32.14 30.55 29.51
C ASP D 157 33.33 31.28 28.94
N GLY D 158 32.94 31.99 27.88
CA GLY D 158 33.82 32.87 27.12
C GLY D 158 34.87 32.13 26.27
N SER D 159 35.02 30.80 26.37
CA SER D 159 35.87 30.08 25.44
C SER D 159 35.09 29.55 24.24
N GLU D 160 35.70 29.51 23.07
CA GLU D 160 35.09 28.94 21.85
C GLU D 160 34.83 27.43 21.96
N ARG D 161 33.83 26.91 21.24
CA ARG D 161 33.44 25.51 21.21
C ARG D 161 33.14 25.19 19.75
N GLN D 162 33.98 24.25 19.23
CA GLN D 162 33.85 23.82 17.84
C GLN D 162 33.24 22.44 17.67
N ASN D 163 33.26 21.59 18.66
CA ASN D 163 32.71 20.26 18.55
C ASN D 163 31.26 20.21 18.98
N GLY D 164 30.33 19.65 18.23
CA GLY D 164 28.94 19.58 18.68
C GLY D 164 28.00 20.53 17.93
N VAL D 165 28.52 21.44 17.11
CA VAL D 165 27.65 22.35 16.38
C VAL D 165 27.20 21.80 15.01
N LEU D 166 25.90 21.92 14.76
CA LEU D 166 25.25 21.60 13.48
C LEU D 166 24.72 22.88 12.84
N ASN D 167 24.74 23.12 11.52
CA ASN D 167 24.22 24.36 10.95
C ASN D 167 23.29 24.00 9.81
N SER D 168 22.34 24.85 9.43
CA SER D 168 21.51 24.55 8.28
C SER D 168 21.25 25.91 7.67
N TRP D 169 21.09 25.88 6.36
CA TRP D 169 20.96 27.11 5.65
C TRP D 169 19.77 26.88 4.81
N THR D 170 18.89 27.88 4.75
CA THR D 170 17.82 27.83 3.80
C THR D 170 18.38 28.70 2.66
N ASP D 171 17.73 28.56 1.51
CA ASP D 171 18.10 29.26 0.30
C ASP D 171 17.59 30.70 0.24
N GLN D 172 17.90 31.41 -0.84
CA GLN D 172 17.42 32.75 -1.03
C GLN D 172 15.93 32.62 -1.19
N ASP D 173 15.26 33.30 -0.25
CA ASP D 173 13.81 33.36 -0.10
C ASP D 173 13.07 33.73 -1.35
N SER D 174 12.04 32.93 -1.61
CA SER D 174 11.09 33.09 -2.71
C SER D 174 10.53 34.50 -2.85
N LYS D 175 10.15 35.07 -1.69
CA LYS D 175 9.60 36.40 -1.58
C LYS D 175 10.71 37.40 -1.56
N ASP D 176 11.53 37.50 -0.49
CA ASP D 176 12.39 38.68 -0.39
C ASP D 176 13.89 38.65 -0.59
N SER D 177 14.38 37.68 -1.37
CA SER D 177 15.79 37.50 -1.70
C SER D 177 16.78 37.22 -0.53
N THR D 178 16.34 36.92 0.67
CA THR D 178 17.27 36.87 1.78
C THR D 178 17.37 35.45 2.34
N TYR D 179 18.42 35.21 3.12
CA TYR D 179 18.77 33.91 3.64
C TYR D 179 18.52 33.73 5.13
N SER D 180 18.58 32.51 5.65
CA SER D 180 18.50 32.24 7.08
C SER D 180 19.44 31.10 7.45
N MET D 181 19.93 31.18 8.69
CA MET D 181 20.78 30.14 9.18
C MET D 181 20.25 29.66 10.49
N SER D 182 20.51 28.42 10.82
CA SER D 182 20.21 27.79 12.10
C SER D 182 21.54 27.23 12.68
N SER D 183 21.84 27.12 13.98
CA SER D 183 23.06 26.52 14.44
C SER D 183 22.74 25.86 15.76
N THR D 184 22.99 24.60 15.98
CA THR D 184 22.57 23.98 17.21
C THR D 184 23.83 23.47 17.88
N LEU D 185 24.16 23.75 19.12
CA LEU D 185 25.30 23.18 19.76
C LEU D 185 24.68 22.12 20.62
N THR D 186 24.87 20.85 20.33
CA THR D 186 24.19 19.82 21.09
C THR D 186 25.15 19.40 22.20
N LEU D 187 24.72 19.41 23.46
CA LEU D 187 25.55 18.94 24.57
C LEU D 187 24.83 17.83 25.29
N THR D 188 25.60 17.38 26.26
CA THR D 188 25.26 16.34 27.20
C THR D 188 24.75 17.19 28.36
N LYS D 189 23.69 16.78 29.05
CA LYS D 189 23.18 17.52 30.17
C LYS D 189 24.27 17.84 31.21
N ASP D 190 25.23 16.94 31.46
CA ASP D 190 26.26 17.15 32.47
C ASP D 190 27.19 18.30 32.14
N GLU D 191 27.62 18.26 30.89
CA GLU D 191 28.53 19.27 30.39
C GLU D 191 27.76 20.55 30.12
N TYR D 192 26.43 20.53 30.16
CA TYR D 192 25.64 21.75 30.03
C TYR D 192 25.70 22.41 31.39
N GLU D 193 25.28 21.62 32.39
CA GLU D 193 25.23 22.06 33.76
C GLU D 193 26.58 22.41 34.32
N ARG D 194 27.73 21.84 33.93
CA ARG D 194 29.00 22.30 34.47
C ARG D 194 29.50 23.64 33.90
N HIS D 195 28.66 24.61 33.50
CA HIS D 195 29.05 25.90 32.89
C HIS D 195 27.86 26.83 33.02
N ASN D 196 28.04 28.09 32.63
CA ASN D 196 26.84 28.89 32.66
C ASN D 196 26.67 29.75 31.43
N SER D 197 27.55 30.58 30.94
CA SER D 197 27.29 31.47 29.82
C SER D 197 27.48 30.89 28.44
N TYR D 198 26.45 30.87 27.59
CA TYR D 198 26.45 30.34 26.23
C TYR D 198 26.36 31.52 25.28
N THR D 199 27.21 31.60 24.27
CA THR D 199 27.11 32.70 23.34
C THR D 199 27.06 32.20 21.90
N CYS D 200 26.33 32.80 21.04
CA CYS D 200 26.36 32.52 19.65
C CYS D 200 26.87 33.86 19.11
N GLU D 201 28.12 33.97 18.64
CA GLU D 201 28.59 35.16 17.96
C GLU D 201 28.43 35.12 16.43
N ALA D 202 27.70 36.04 15.84
CA ALA D 202 27.46 36.03 14.41
C ALA D 202 28.37 37.03 13.73
N THR D 203 28.96 36.73 12.58
CA THR D 203 29.83 37.68 11.87
C THR D 203 29.33 37.93 10.42
N HIS D 204 29.22 39.15 9.91
CA HIS D 204 28.62 39.46 8.61
C HIS D 204 29.20 40.77 8.04
N LYS D 205 29.09 41.06 6.75
CA LYS D 205 29.66 42.29 6.20
C LYS D 205 28.82 43.53 6.45
N THR D 206 27.84 43.44 7.33
CA THR D 206 26.96 44.56 7.54
C THR D 206 27.47 45.39 8.72
N SER D 207 28.10 44.71 9.72
CA SER D 207 28.64 45.27 10.96
C SER D 207 30.17 45.06 10.97
N THR D 208 30.79 45.84 11.87
CA THR D 208 32.24 45.90 12.03
C THR D 208 32.82 45.10 13.19
N SER D 209 31.94 44.36 13.85
CA SER D 209 32.28 43.46 14.92
C SER D 209 31.07 42.52 15.07
N PRO D 210 31.08 41.41 15.80
CA PRO D 210 30.04 40.41 15.74
C PRO D 210 28.81 40.74 16.52
N ILE D 211 27.63 40.35 16.03
CA ILE D 211 26.43 40.46 16.84
C ILE D 211 26.62 39.37 17.86
N VAL D 212 26.49 39.65 19.12
CA VAL D 212 26.69 38.64 20.15
C VAL D 212 25.32 38.40 20.71
N LYS D 213 24.98 37.17 21.02
CA LYS D 213 23.73 36.84 21.71
C LYS D 213 24.15 35.85 22.80
N SER D 214 23.83 35.98 24.08
CA SER D 214 24.28 35.05 25.11
C SER D 214 23.16 34.72 26.09
N PHE D 215 23.29 33.73 26.95
CA PHE D 215 22.39 33.58 28.07
C PHE D 215 23.24 32.72 29.01
N ASN D 216 22.66 32.37 30.15
CA ASN D 216 23.23 31.50 31.17
C ASN D 216 22.17 31.17 32.20
N ARG D 217 22.57 30.40 33.21
CA ARG D 217 21.71 29.94 34.28
C ARG D 217 22.52 29.83 35.59
N GLU E 1 2.09 13.42 -25.96
CA GLU E 1 3.28 14.05 -25.48
C GLU E 1 4.12 12.84 -25.09
N VAL E 2 5.44 12.85 -25.21
CA VAL E 2 6.19 11.72 -24.71
C VAL E 2 6.02 11.75 -23.20
N GLN E 3 5.97 10.64 -22.47
CA GLN E 3 5.96 10.70 -21.04
C GLN E 3 6.74 9.48 -20.58
N LEU E 4 7.74 9.64 -19.71
CA LEU E 4 8.46 8.52 -19.10
C LEU E 4 8.08 8.62 -17.61
N VAL E 5 7.60 7.57 -16.96
CA VAL E 5 7.19 7.64 -15.58
C VAL E 5 8.08 6.66 -14.85
N GLU E 6 8.77 7.00 -13.72
CA GLU E 6 9.77 6.11 -13.14
C GLU E 6 9.18 5.41 -11.97
N SER E 7 9.59 4.19 -11.57
CA SER E 7 9.05 3.51 -10.41
C SER E 7 10.13 2.65 -9.75
N GLY E 8 9.98 2.16 -8.51
CA GLY E 8 11.01 1.38 -7.88
C GLY E 8 11.48 1.92 -6.53
N GLY E 9 12.09 3.10 -6.47
CA GLY E 9 12.73 3.68 -5.29
C GLY E 9 12.14 3.42 -3.89
N ASP E 10 13.00 3.25 -2.88
CA ASP E 10 12.58 2.81 -1.57
C ASP E 10 13.79 2.70 -0.67
N LEU E 11 13.63 2.26 0.57
CA LEU E 11 14.70 2.30 1.50
C LEU E 11 15.27 0.89 1.45
N VAL E 12 16.58 0.79 1.20
CA VAL E 12 17.19 -0.51 0.97
C VAL E 12 18.53 -0.53 1.70
N LYS E 13 18.90 -1.71 2.25
CA LYS E 13 20.11 -1.90 2.99
C LYS E 13 21.31 -1.69 2.11
N PRO E 14 22.48 -1.29 2.61
CA PRO E 14 23.70 -1.31 1.84
C PRO E 14 23.96 -2.80 1.56
N GLY E 15 24.27 -3.12 0.33
CA GLY E 15 24.60 -4.49 -0.08
C GLY E 15 23.40 -5.19 -0.70
N GLY E 16 22.15 -4.76 -0.48
CA GLY E 16 20.96 -5.39 -1.04
C GLY E 16 20.70 -4.88 -2.44
N SER E 17 19.48 -5.19 -2.91
CA SER E 17 19.15 -4.90 -4.32
C SER E 17 17.77 -4.37 -4.73
N LEU E 18 17.76 -3.59 -5.84
CA LEU E 18 16.55 -2.98 -6.35
C LEU E 18 16.44 -3.14 -7.85
N LYS E 19 15.24 -2.98 -8.36
CA LYS E 19 15.03 -2.95 -9.80
C LYS E 19 14.11 -1.74 -10.02
N LEU E 20 14.43 -0.73 -10.83
CA LEU E 20 13.52 0.40 -11.02
C LEU E 20 12.84 0.18 -12.38
N SER E 21 11.63 0.67 -12.66
CA SER E 21 11.03 0.56 -14.01
C SER E 21 10.84 1.97 -14.54
N CYS E 22 10.70 2.06 -15.85
CA CYS E 22 10.41 3.32 -16.52
C CYS E 22 9.51 3.00 -17.71
N ALA E 23 8.18 3.21 -17.59
CA ALA E 23 7.21 3.02 -18.66
C ALA E 23 7.25 4.20 -19.63
N ALA E 24 7.24 3.99 -20.95
CA ALA E 24 7.35 5.08 -21.88
C ALA E 24 6.08 5.18 -22.72
N SER E 25 5.58 6.35 -23.15
CA SER E 25 4.38 6.53 -23.94
C SER E 25 4.63 7.62 -24.90
N GLY E 26 3.75 7.78 -25.90
CA GLY E 26 3.83 8.83 -26.87
C GLY E 26 4.93 8.75 -27.91
N PHE E 27 5.75 7.67 -27.93
CA PHE E 27 6.75 7.46 -28.99
C PHE E 27 7.00 5.96 -29.20
N SER E 28 7.44 5.62 -30.43
CA SER E 28 7.93 4.28 -30.68
C SER E 28 9.10 4.11 -29.73
N PHE E 29 8.81 3.55 -28.56
CA PHE E 29 9.80 3.24 -27.58
C PHE E 29 10.97 2.51 -28.24
N SER E 30 10.59 1.48 -28.97
CA SER E 30 11.45 0.57 -29.72
C SER E 30 12.36 1.24 -30.76
N SER E 31 12.33 2.56 -31.00
CA SER E 31 13.23 3.23 -31.96
C SER E 31 14.27 4.01 -31.17
N TYR E 32 14.08 4.10 -29.89
CA TYR E 32 14.86 4.98 -29.10
C TYR E 32 15.66 4.15 -28.18
N GLY E 33 16.92 4.51 -28.07
CA GLY E 33 17.68 3.93 -27.02
C GLY E 33 17.25 4.67 -25.78
N MET E 34 17.68 4.29 -24.60
CA MET E 34 17.22 4.93 -23.38
C MET E 34 18.36 5.12 -22.41
N SER E 35 18.33 6.03 -21.44
CA SER E 35 19.36 6.18 -20.40
C SER E 35 18.77 6.30 -19.01
N TRP E 36 19.62 6.16 -18.00
CA TRP E 36 19.33 6.45 -16.61
C TRP E 36 20.32 7.52 -16.19
N VAL E 37 19.98 8.55 -15.38
CA VAL E 37 20.88 9.63 -14.88
C VAL E 37 20.56 9.83 -13.38
N ARG E 38 21.60 9.93 -12.56
CA ARG E 38 21.49 10.16 -11.12
C ARG E 38 21.66 11.60 -10.69
N GLN E 39 20.84 12.13 -9.80
CA GLN E 39 21.26 13.38 -9.22
C GLN E 39 21.34 12.99 -7.77
N THR E 40 22.45 13.37 -7.16
CA THR E 40 22.59 13.10 -5.75
C THR E 40 21.94 14.18 -4.77
N PRO E 41 21.96 14.06 -3.45
CA PRO E 41 21.35 15.05 -2.59
C PRO E 41 22.26 16.32 -2.51
N ASP E 42 23.48 16.24 -3.05
CA ASP E 42 24.35 17.38 -3.18
C ASP E 42 24.12 17.95 -4.58
N LYS E 43 23.09 17.51 -5.33
CA LYS E 43 22.80 18.02 -6.66
C LYS E 43 23.87 17.82 -7.76
N ARG E 44 24.71 16.81 -7.60
CA ARG E 44 25.52 16.35 -8.73
C ARG E 44 24.60 15.51 -9.64
N LEU E 45 24.63 15.77 -10.92
CA LEU E 45 23.98 14.93 -11.90
C LEU E 45 24.96 13.92 -12.57
N GLU E 46 25.00 12.61 -12.39
CA GLU E 46 25.90 11.71 -13.11
C GLU E 46 25.16 10.77 -14.07
N TRP E 47 25.59 10.52 -15.30
CA TRP E 47 25.05 9.44 -16.12
C TRP E 47 25.37 8.11 -15.42
N VAL E 48 24.41 7.20 -15.51
CA VAL E 48 24.47 5.83 -14.95
C VAL E 48 24.58 4.74 -16.02
N ALA E 49 23.73 4.73 -17.06
CA ALA E 49 23.66 3.63 -18.02
C ALA E 49 22.90 4.07 -19.27
N THR E 50 23.28 3.51 -20.42
CA THR E 50 22.66 3.73 -21.72
C THR E 50 22.38 2.36 -22.38
N ILE E 51 21.26 2.25 -23.11
CA ILE E 51 20.94 1.04 -23.86
C ILE E 51 20.66 1.42 -25.31
N SER E 52 20.86 0.40 -26.12
CA SER E 52 20.59 0.43 -27.52
C SER E 52 19.11 0.42 -27.78
N ASN E 53 18.69 0.93 -28.94
CA ASN E 53 17.27 0.96 -29.32
C ASN E 53 16.61 -0.39 -29.36
N GLY E 54 17.46 -1.35 -29.79
CA GLY E 54 17.18 -2.77 -29.79
C GLY E 54 17.69 -3.53 -28.56
N GLY E 55 18.21 -3.01 -27.43
CA GLY E 55 18.68 -3.80 -26.29
C GLY E 55 20.05 -4.52 -26.40
N GLY E 56 20.62 -4.55 -27.60
CA GLY E 56 21.91 -5.15 -27.82
C GLY E 56 23.04 -4.37 -27.17
N TYR E 57 23.37 -3.14 -27.54
CA TYR E 57 24.56 -2.54 -26.93
C TYR E 57 24.29 -1.88 -25.54
N THR E 58 24.95 -2.20 -24.40
CA THR E 58 24.73 -1.46 -23.17
C THR E 58 26.06 -0.82 -22.73
N TYR E 59 26.11 0.25 -21.96
CA TYR E 59 27.30 1.07 -21.72
C TYR E 59 27.28 1.50 -20.26
N TYR E 60 28.34 1.32 -19.51
CA TYR E 60 28.32 1.66 -18.09
C TYR E 60 29.52 2.47 -17.65
N PRO E 61 29.46 3.46 -16.72
CA PRO E 61 30.64 4.11 -16.14
C PRO E 61 31.24 3.29 -15.01
N ASP E 62 32.56 3.32 -14.80
CA ASP E 62 33.24 2.55 -13.76
C ASP E 62 32.62 2.42 -12.39
N SER E 63 31.89 3.43 -11.98
CA SER E 63 31.16 3.41 -10.75
C SER E 63 30.07 2.35 -10.64
N VAL E 64 29.64 1.64 -11.67
CA VAL E 64 28.45 0.82 -11.58
C VAL E 64 28.60 -0.53 -12.29
N LYS E 65 29.64 -0.68 -13.10
CA LYS E 65 29.84 -1.91 -13.85
C LYS E 65 29.79 -3.15 -12.95
N GLY E 66 29.03 -4.14 -13.35
CA GLY E 66 28.97 -5.36 -12.55
C GLY E 66 28.05 -5.21 -11.35
N ARG E 67 27.69 -4.01 -10.88
CA ARG E 67 26.72 -3.94 -9.79
C ARG E 67 25.36 -3.55 -10.34
N PHE E 68 25.21 -2.81 -11.44
CA PHE E 68 23.90 -2.39 -11.98
C PHE E 68 23.79 -2.86 -13.42
N THR E 69 22.61 -3.12 -13.97
CA THR E 69 22.38 -3.68 -15.30
C THR E 69 21.07 -3.13 -15.90
N ILE E 70 21.08 -2.40 -17.02
CA ILE E 70 19.83 -1.98 -17.66
C ILE E 70 19.27 -3.13 -18.50
N SER E 71 17.95 -3.16 -18.64
CA SER E 71 17.23 -4.10 -19.50
C SER E 71 16.05 -3.23 -20.00
N ARG E 72 15.35 -3.72 -20.99
CA ARG E 72 14.17 -3.06 -21.52
C ARG E 72 13.28 -4.18 -22.03
N ASP E 73 12.04 -3.92 -22.45
CA ASP E 73 11.09 -4.89 -22.96
C ASP E 73 10.24 -4.06 -23.87
N ASN E 74 10.76 -3.77 -25.07
CA ASN E 74 10.14 -2.96 -26.12
C ASN E 74 8.70 -3.24 -26.51
N ALA E 75 8.11 -4.35 -26.02
CA ALA E 75 6.69 -4.68 -26.26
C ALA E 75 5.83 -4.29 -25.05
N LYS E 76 6.46 -4.12 -23.89
CA LYS E 76 5.78 -3.63 -22.74
C LYS E 76 6.24 -2.22 -22.56
N ASN E 77 6.95 -1.59 -23.51
CA ASN E 77 7.40 -0.21 -23.40
C ASN E 77 7.97 0.23 -22.04
N THR E 78 8.89 -0.55 -21.53
CA THR E 78 9.48 -0.33 -20.23
C THR E 78 11.00 -0.57 -20.25
N LEU E 79 11.69 0.25 -19.42
CA LEU E 79 13.12 0.16 -19.26
C LEU E 79 13.35 -0.23 -17.81
N TYR E 80 14.48 -0.82 -17.45
CA TYR E 80 14.67 -1.39 -16.13
C TYR E 80 16.07 -1.09 -15.70
N LEU E 81 16.34 -1.00 -14.37
CA LEU E 81 17.71 -0.99 -13.89
C LEU E 81 17.86 -1.88 -12.66
N GLN E 82 18.61 -2.95 -12.83
CA GLN E 82 18.86 -3.94 -11.79
C GLN E 82 20.07 -3.56 -10.95
N MET E 83 19.87 -3.00 -9.78
CA MET E 83 20.98 -2.53 -8.99
C MET E 83 21.16 -3.56 -7.89
N SER E 84 22.38 -4.02 -7.76
CA SER E 84 22.85 -5.05 -6.86
C SER E 84 24.02 -4.41 -6.19
N SER E 85 24.37 -4.79 -4.96
CA SER E 85 25.53 -4.24 -4.25
C SER E 85 25.45 -2.72 -3.99
N LEU E 86 24.24 -2.35 -3.54
CA LEU E 86 23.95 -0.99 -3.21
C LEU E 86 24.83 -0.50 -2.03
N LYS E 87 25.34 0.68 -2.22
CA LYS E 87 26.27 1.24 -1.31
C LYS E 87 25.71 2.64 -1.30
N SER E 88 25.89 3.19 -0.10
CA SER E 88 25.40 4.48 0.38
C SER E 88 25.63 5.60 -0.60
N GLU E 89 26.76 5.62 -1.30
CA GLU E 89 27.10 6.60 -2.35
C GLU E 89 26.10 6.65 -3.50
N ASP E 90 25.40 5.53 -3.69
CA ASP E 90 24.34 5.42 -4.67
C ASP E 90 22.94 5.80 -4.14
N SER E 91 22.75 6.41 -2.94
CA SER E 91 21.42 6.92 -2.62
C SER E 91 21.21 8.15 -3.55
N ALA E 92 20.09 8.37 -4.25
CA ALA E 92 20.00 9.56 -5.05
C ALA E 92 18.61 9.71 -5.60
N MET E 93 18.36 10.65 -6.54
CA MET E 93 17.09 10.81 -7.23
C MET E 93 17.57 10.35 -8.59
N TYR E 94 16.90 9.30 -9.08
CA TYR E 94 17.16 8.57 -10.34
C TYR E 94 16.21 8.90 -11.50
N TYR E 95 16.66 9.27 -12.71
CA TYR E 95 15.78 9.59 -13.81
C TYR E 95 15.96 8.70 -15.02
N CYS E 96 14.92 8.47 -15.76
CA CYS E 96 15.04 7.80 -17.03
C CYS E 96 14.93 9.00 -17.98
N ALA E 97 15.72 9.00 -19.03
CA ALA E 97 15.85 10.11 -19.94
C ALA E 97 16.06 9.46 -21.34
N ARG E 98 15.65 10.07 -22.42
CA ARG E 98 15.69 9.48 -23.74
C ARG E 98 16.94 9.84 -24.50
N ARG E 99 17.59 8.83 -25.12
CA ARG E 99 18.73 9.09 -26.01
C ARG E 99 18.13 9.33 -27.37
N GLU E 100 18.54 10.49 -27.93
CA GLU E 100 18.03 10.96 -29.18
C GLU E 100 18.78 10.36 -30.34
N ARG E 101 18.21 9.19 -30.70
CA ARG E 101 18.65 8.37 -31.85
C ARG E 101 18.80 9.21 -33.10
N TYR E 102 17.78 9.98 -33.46
CA TYR E 102 17.83 10.63 -34.73
C TYR E 102 18.70 11.86 -34.76
N ASP E 103 18.31 12.74 -33.87
CA ASP E 103 18.87 14.07 -33.92
C ASP E 103 20.29 14.17 -33.36
N GLU E 104 20.70 13.20 -32.52
CA GLU E 104 21.95 13.19 -31.80
C GLU E 104 22.13 14.51 -31.05
N ASN E 105 21.23 14.83 -30.11
CA ASN E 105 21.42 16.09 -29.38
C ASN E 105 21.04 16.38 -27.92
N GLY E 106 20.96 15.44 -26.97
CA GLY E 106 20.88 15.82 -25.57
C GLY E 106 19.91 14.97 -24.80
N PHE E 107 19.80 14.99 -23.49
CA PHE E 107 18.62 14.34 -22.96
C PHE E 107 17.44 15.32 -23.01
N ALA E 108 16.77 15.37 -24.15
CA ALA E 108 15.54 16.13 -24.32
C ALA E 108 14.33 15.60 -23.55
N TYR E 109 14.13 14.34 -23.15
CA TYR E 109 12.91 13.91 -22.47
C TYR E 109 13.38 13.28 -21.18
N TRP E 110 12.83 13.65 -20.05
CA TRP E 110 13.24 13.22 -18.75
C TRP E 110 11.99 12.70 -18.11
N GLY E 111 11.98 11.74 -17.23
CA GLY E 111 10.76 11.36 -16.56
C GLY E 111 10.65 12.10 -15.25
N GLN E 112 9.76 11.71 -14.32
CA GLN E 112 9.64 12.41 -13.03
C GLN E 112 10.79 12.14 -12.07
N GLY E 113 11.08 10.90 -11.71
CA GLY E 113 12.22 10.61 -10.88
C GLY E 113 11.76 9.68 -9.81
N THR E 114 12.69 8.87 -9.33
CA THR E 114 12.47 7.95 -8.26
C THR E 114 13.65 8.03 -7.30
N LEU E 115 13.31 8.21 -6.03
CA LEU E 115 14.29 8.34 -4.97
C LEU E 115 14.70 6.98 -4.43
N VAL E 116 15.99 6.68 -4.22
CA VAL E 116 16.45 5.41 -3.63
C VAL E 116 17.30 5.86 -2.45
N THR E 117 17.12 5.19 -1.30
CA THR E 117 17.89 5.46 -0.09
C THR E 117 18.43 4.16 0.45
N VAL E 118 19.70 4.02 0.12
CA VAL E 118 20.55 2.91 0.54
C VAL E 118 20.97 3.25 1.98
N SER E 119 20.52 2.57 3.04
CA SER E 119 20.87 2.86 4.41
C SER E 119 20.38 1.69 5.25
N ALA E 120 21.25 1.53 6.28
CA ALA E 120 21.15 0.51 7.32
C ALA E 120 20.26 0.83 8.54
N ALA E 121 20.05 2.16 8.66
CA ALA E 121 19.28 2.89 9.65
C ALA E 121 17.88 2.43 10.03
N LYS E 122 17.54 2.43 11.32
CA LYS E 122 16.24 1.93 11.81
C LYS E 122 15.23 3.08 11.84
N THR E 123 13.99 2.84 11.42
CA THR E 123 12.97 3.89 11.43
C THR E 123 12.78 4.33 12.89
N THR E 124 12.99 5.63 13.12
CA THR E 124 12.93 6.29 14.42
C THR E 124 12.15 7.56 14.25
N ALA E 125 11.11 7.68 15.05
CA ALA E 125 10.29 8.88 15.16
C ALA E 125 10.99 9.99 16.00
N PRO E 126 10.67 11.27 15.85
CA PRO E 126 11.47 12.32 16.43
C PRO E 126 11.28 12.73 17.89
N SER E 127 12.23 13.44 18.49
CA SER E 127 11.99 14.11 19.76
C SER E 127 11.75 15.58 19.38
N VAL E 128 10.50 16.00 19.62
CA VAL E 128 10.03 17.33 19.24
C VAL E 128 10.19 18.20 20.47
N TYR E 129 10.97 19.24 20.31
CA TYR E 129 11.36 20.07 21.41
C TYR E 129 10.96 21.49 21.13
N PRO E 130 10.07 22.07 21.95
CA PRO E 130 9.62 23.44 21.76
C PRO E 130 10.66 24.46 22.22
N LEU E 131 10.79 25.60 21.59
CA LEU E 131 11.79 26.55 22.04
C LEU E 131 11.20 27.94 22.22
N ALA E 132 11.03 28.33 23.48
CA ALA E 132 10.54 29.64 23.91
C ALA E 132 11.78 30.50 24.19
N PRO E 133 11.75 31.84 24.07
CA PRO E 133 12.94 32.69 24.24
C PRO E 133 13.31 32.72 25.72
N VAL E 134 14.48 33.26 26.10
CA VAL E 134 15.00 33.16 27.48
C VAL E 134 14.05 33.50 28.62
N GLY E 140 10.63 43.28 23.15
CA GLY E 140 10.35 44.26 22.10
C GLY E 140 9.22 43.89 21.15
N SER E 141 9.36 44.28 19.89
CA SER E 141 8.28 44.16 18.92
C SER E 141 7.81 42.77 18.55
N SER E 142 8.83 41.94 18.38
CA SER E 142 8.62 40.66 17.78
C SER E 142 9.33 39.71 18.69
N VAL E 143 8.77 38.50 18.67
CA VAL E 143 9.13 37.33 19.42
C VAL E 143 9.34 36.27 18.36
N THR E 144 10.41 35.51 18.59
CA THR E 144 10.71 34.36 17.77
C THR E 144 10.72 33.17 18.69
N LEU E 145 10.15 32.10 18.16
CA LEU E 145 10.07 30.82 18.85
C LEU E 145 10.56 29.79 17.83
N GLY E 146 10.70 28.53 18.26
CA GLY E 146 11.19 27.47 17.40
C GLY E 146 10.78 26.08 17.81
N CYS E 147 10.98 25.15 16.89
CA CYS E 147 10.70 23.72 17.08
C CYS E 147 11.97 23.01 16.66
N LEU E 148 12.61 22.27 17.52
CA LEU E 148 13.74 21.43 17.19
C LEU E 148 13.18 20.03 17.02
N VAL E 149 13.45 19.51 15.83
CA VAL E 149 13.10 18.14 15.57
C VAL E 149 14.41 17.36 15.54
N LYS E 150 14.51 16.44 16.50
CA LYS E 150 15.72 15.70 16.72
C LYS E 150 15.67 14.17 16.58
N GLY E 151 16.71 13.62 15.95
CA GLY E 151 16.93 12.18 15.90
C GLY E 151 15.85 11.28 15.29
N TYR E 152 15.56 11.46 14.01
CA TYR E 152 14.57 10.60 13.39
C TYR E 152 15.13 9.93 12.14
N PHE E 153 14.45 8.91 11.65
CA PHE E 153 14.81 8.25 10.40
C PHE E 153 13.52 7.65 9.89
N PRO E 154 13.10 7.72 8.65
CA PRO E 154 13.71 8.53 7.60
C PRO E 154 13.09 9.92 7.31
N GLU E 155 13.50 10.57 6.21
CA GLU E 155 12.86 11.82 5.81
C GLU E 155 11.61 11.52 5.02
N PRO E 156 10.55 12.34 5.03
CA PRO E 156 10.43 13.54 5.81
C PRO E 156 9.64 13.39 7.10
N VAL E 157 9.66 14.54 7.71
CA VAL E 157 8.88 14.92 8.87
C VAL E 157 8.21 16.09 8.14
N THR E 158 6.91 16.32 8.33
CA THR E 158 6.29 17.55 7.86
C THR E 158 6.02 18.40 9.10
N LEU E 159 6.48 19.65 9.19
CA LEU E 159 6.29 20.51 10.35
C LEU E 159 5.40 21.66 9.90
N THR E 160 4.49 22.19 10.77
CA THR E 160 3.61 23.36 10.53
C THR E 160 3.34 24.01 11.89
N TRP E 161 2.92 25.27 11.87
CA TRP E 161 2.68 26.02 13.08
C TRP E 161 1.22 26.31 12.99
N ASN E 162 0.57 25.96 14.08
CA ASN E 162 -0.88 26.00 14.25
C ASN E 162 -1.62 25.36 13.06
N SER E 163 -1.53 24.05 12.86
CA SER E 163 -2.05 23.29 11.71
C SER E 163 -1.99 23.95 10.35
N GLY E 164 -0.98 24.80 10.18
CA GLY E 164 -0.77 25.45 8.91
C GLY E 164 -1.55 26.73 8.78
N SER E 165 -1.81 27.41 9.89
CA SER E 165 -2.47 28.69 9.82
C SER E 165 -1.39 29.79 9.82
N LEU E 166 -0.23 29.50 10.45
CA LEU E 166 0.84 30.46 10.45
C LEU E 166 1.67 30.41 9.18
N SER E 167 1.41 31.31 8.25
CA SER E 167 2.10 31.24 6.98
C SER E 167 3.34 32.09 7.06
N SER E 168 3.26 33.29 7.62
CA SER E 168 4.44 34.12 7.55
C SER E 168 5.17 34.04 8.88
N GLY E 169 6.43 34.44 8.76
CA GLY E 169 7.35 34.44 9.90
C GLY E 169 8.14 33.13 10.07
N VAL E 170 7.80 32.08 9.28
CA VAL E 170 8.40 30.74 9.36
C VAL E 170 9.62 30.54 8.48
N HIS E 171 10.59 29.82 9.04
CA HIS E 171 11.83 29.43 8.35
C HIS E 171 12.06 28.04 8.85
N THR E 172 11.74 27.08 7.98
CA THR E 172 11.94 25.68 8.30
C THR E 172 13.25 25.41 7.59
N PHE E 173 14.26 24.91 8.30
CA PHE E 173 15.57 24.63 7.72
C PHE E 173 15.71 23.17 7.22
N PRO E 174 16.33 22.94 6.07
CA PRO E 174 16.90 21.66 5.69
C PRO E 174 17.37 20.72 6.81
N ALA E 175 16.93 19.46 6.75
CA ALA E 175 17.37 18.56 7.80
C ALA E 175 18.79 18.08 7.51
N VAL E 176 19.70 17.83 8.47
CA VAL E 176 20.95 17.23 8.05
C VAL E 176 21.06 15.87 8.69
N LEU E 177 21.99 15.08 8.13
CA LEU E 177 22.20 13.71 8.55
C LEU E 177 23.50 13.44 9.29
N GLN E 178 23.27 12.84 10.46
CA GLN E 178 24.33 12.51 11.40
C GLN E 178 24.60 11.02 11.35
N SER E 179 24.93 10.28 12.40
CA SER E 179 25.13 8.85 12.32
C SER E 179 23.71 8.28 12.17
N ASP E 180 23.22 8.24 10.92
CA ASP E 180 21.87 7.75 10.57
C ASP E 180 20.62 8.37 11.17
N LEU E 181 20.79 9.49 11.89
CA LEU E 181 19.68 10.21 12.39
C LEU E 181 19.68 11.60 11.83
N TYR E 182 18.49 12.10 11.56
CA TYR E 182 18.25 13.45 11.05
C TYR E 182 17.94 14.49 12.12
N THR E 183 18.21 15.75 11.78
CA THR E 183 17.93 16.87 12.66
C THR E 183 17.45 17.99 11.77
N LEU E 184 16.34 18.61 12.20
CA LEU E 184 15.59 19.69 11.52
C LEU E 184 15.05 20.72 12.51
N SER E 185 14.89 22.00 12.21
CA SER E 185 14.41 22.99 13.18
C SER E 185 13.70 24.14 12.48
N SER E 186 12.67 24.75 13.05
CA SER E 186 12.05 25.86 12.35
C SER E 186 11.86 27.06 13.28
N SER E 187 11.95 28.31 12.78
CA SER E 187 11.60 29.46 13.60
C SER E 187 10.26 30.04 13.12
N VAL E 188 9.60 30.83 13.97
CA VAL E 188 8.48 31.69 13.57
C VAL E 188 8.51 32.96 14.42
N THR E 189 8.33 34.10 13.75
CA THR E 189 8.29 35.37 14.45
C THR E 189 6.84 35.83 14.45
N VAL E 190 6.36 36.09 15.65
CA VAL E 190 5.08 36.71 15.86
C VAL E 190 5.47 38.02 16.54
N THR E 191 4.51 38.81 16.98
CA THR E 191 4.80 40.06 17.67
C THR E 191 4.58 39.90 19.16
N SER E 192 4.98 40.90 19.93
CA SER E 192 4.85 40.95 21.37
C SER E 192 3.40 40.82 21.83
N SER E 193 2.43 41.20 20.97
CA SER E 193 1.01 41.05 21.28
C SER E 193 0.36 39.74 20.82
N THR E 194 1.05 38.79 20.19
CA THR E 194 0.39 37.56 19.88
C THR E 194 0.80 36.50 20.89
N TRP E 195 2.04 36.40 21.32
CA TRP E 195 2.41 35.35 22.25
C TRP E 195 2.82 36.04 23.55
N PRO E 196 2.52 35.63 24.81
CA PRO E 196 1.78 34.43 25.18
C PRO E 196 0.29 34.39 25.01
N SER E 197 -0.32 35.47 24.55
CA SER E 197 -1.76 35.55 24.43
C SER E 197 -2.43 34.53 23.53
N GLN E 198 -1.91 34.37 22.34
CA GLN E 198 -2.50 33.52 21.35
C GLN E 198 -1.46 32.45 21.30
N SER E 199 -1.90 31.20 21.49
CA SER E 199 -1.02 30.07 21.55
C SER E 199 -0.34 29.82 20.24
N ILE E 200 0.94 29.46 20.30
CA ILE E 200 1.61 29.06 19.09
C ILE E 200 1.92 27.60 19.43
N THR E 201 1.43 26.70 18.60
CA THR E 201 1.69 25.27 18.69
C THR E 201 2.43 24.83 17.42
N CYS E 202 3.34 23.92 17.67
CA CYS E 202 4.18 23.30 16.65
C CYS E 202 3.70 21.90 16.29
N ASN E 203 3.56 21.65 15.01
CA ASN E 203 2.95 20.41 14.53
C ASN E 203 3.86 19.60 13.64
N VAL E 204 4.44 18.57 14.24
CA VAL E 204 5.39 17.75 13.53
C VAL E 204 4.73 16.39 13.33
N ALA E 205 4.47 16.09 12.09
CA ALA E 205 3.92 14.82 11.69
C ALA E 205 5.09 14.08 11.04
N HIS E 206 5.48 12.87 11.46
CA HIS E 206 6.55 12.08 10.81
C HIS E 206 5.85 10.97 10.05
N PRO E 207 5.53 11.14 8.77
CA PRO E 207 4.83 10.14 7.91
C PRO E 207 5.23 8.67 8.17
N ALA E 208 6.52 8.45 7.88
CA ALA E 208 7.26 7.23 8.06
C ALA E 208 7.16 6.38 9.33
N SER E 209 6.34 6.64 10.33
CA SER E 209 6.23 5.85 11.56
C SER E 209 4.89 6.14 12.28
N SER E 210 4.02 6.80 11.50
CA SER E 210 2.67 7.15 11.89
C SER E 210 2.58 7.80 13.28
N THR E 211 3.46 8.79 13.35
CA THR E 211 3.79 9.62 14.50
C THR E 211 3.32 11.08 14.24
N LYS E 212 2.63 11.73 15.20
CA LYS E 212 2.20 13.13 15.12
C LYS E 212 2.39 13.72 16.50
N VAL E 213 3.15 14.80 16.63
CA VAL E 213 3.34 15.41 17.94
C VAL E 213 3.04 16.88 17.78
N ASP E 214 2.33 17.37 18.80
CA ASP E 214 1.97 18.77 18.95
C ASP E 214 2.68 19.34 20.16
N LYS E 215 3.57 20.32 20.02
CA LYS E 215 4.18 20.89 21.21
C LYS E 215 3.84 22.37 21.26
N LYS E 216 3.10 22.73 22.29
CA LYS E 216 2.61 24.08 22.46
C LYS E 216 3.79 24.86 23.06
N ILE E 217 4.17 26.02 22.50
CA ILE E 217 5.31 26.78 23.04
C ILE E 217 4.87 27.60 24.24
N GLU E 218 5.13 27.04 25.41
CA GLU E 218 4.89 27.76 26.65
C GLU E 218 6.20 28.43 27.13
N PRO E 219 6.12 29.64 27.72
CA PRO E 219 7.24 30.46 28.23
C PRO E 219 8.07 29.99 29.42
N ARG E 220 7.54 29.22 30.23
N TYR F 1 16.92 -2.69 -36.14
CA TYR F 1 18.20 -2.25 -36.66
C TYR F 1 18.67 -1.71 -35.33
N ASP F 2 19.81 -2.15 -34.81
CA ASP F 2 20.22 -1.79 -33.48
C ASP F 2 21.42 -0.98 -33.77
N VAL F 3 21.27 0.32 -33.59
CA VAL F 3 22.46 1.15 -33.81
C VAL F 3 23.21 1.44 -32.50
N PRO F 4 24.55 1.57 -32.50
CA PRO F 4 25.26 1.84 -31.28
C PRO F 4 25.01 3.32 -30.98
N ASP F 5 25.20 3.62 -29.71
CA ASP F 5 25.06 4.96 -29.25
C ASP F 5 26.03 5.87 -29.94
N TYR F 6 25.59 7.11 -30.24
CA TYR F 6 26.40 8.19 -30.90
C TYR F 6 27.65 8.66 -30.12
N ALA F 7 27.69 8.21 -28.86
CA ALA F 7 28.74 8.58 -27.96
C ALA F 7 29.67 7.38 -27.62
N SER F 8 29.44 6.24 -28.30
CA SER F 8 30.31 5.07 -28.12
C SER F 8 31.52 5.43 -28.96
N LEU F 9 32.45 6.20 -28.39
CA LEU F 9 33.61 6.65 -29.13
C LEU F 9 34.84 6.21 -28.40
#